data_6FWR
#
_entry.id   6FWR
#
_cell.length_a   98.971
_cell.length_b   133.867
_cell.length_c   58.862
_cell.angle_alpha   90.00
_cell.angle_beta   90.00
_cell.angle_gamma   90.00
#
_symmetry.space_group_name_H-M   'P 21 21 2'
#
loop_
_entity.id
_entity.type
_entity.pdbx_description
1 polymer 'ATP-dependent DNA helicase DinG'
2 polymer "DNA (5'-D(*TP*TP*TP*TP*TP*TP*TP*TP*TP*TP*T)-3')"
3 non-polymer 'IRON/SULFUR CLUSTER'
4 water water
#
loop_
_entity_poly.entity_id
_entity_poly.type
_entity_poly.pdbx_seq_one_letter_code
_entity_poly.pdbx_strand_id
1 'polypeptide(L)'
;MALTAALKAQIAAWYKALQEQIPDFIPRAPQRQMIADVAKTLAGEEGRHLAIEAPTGVGKTLSYLIPGIAIAREEQKTLV
VSTANVALQDQIYSKDLPLLKKIIPDLKFTAAFGRGRYVCPRNLTALASTEPTQQDLLAFLDDELTPNNQEEQKRCAKLK
GDLDTYKWDGLRDHTDIAIDDDLWRRLSTDKASCLNRNCYYYRECPFFVARREIQEAEVVVANHALVMAAMESEAVLPDP
KNLLLVLDEGHHLPDVARDALEMSAEITAPWYRLQLDLFTKLVATCMEQFRPKTIPPLAIPERLNAHCEELYELIASLNN
ILNLYMPAGQEAEHRFAMGELPDEVLEICQRLAKLTEMLRGLAELFLNDLSEKTGSHDIVRLHRLILQMNRALGMFEAQS
KLWRLASLAQSSGAPVTKWATREEREGQLHLWFHCVGIRVSDQLERLLWRSIPHIIVTSATLRSLNSFSRLQEMSGLKEK
AGDRFVALDSPFNHCEQGKIVIPRMRVEPSIDNEEQHIAEMAAFFREQVESKKHLGMLVLFASGRAMQRFLDYVTDLRLM
LLVQGDQPRYRLVELHRKRVANGERSVLVGLQSFAEGLDLKGDLLSQVHIHKIAFPPIDSPVVITEGEWLKSLNRYPFEV
QSLPSASFNLIQQVGRLIRSHGCWGEVVIYDKRLLTKNYGKRLLDALPVFPIEQPEVPEGIVKKKEKTKSPRRRRR
;
A
2 'polydeoxyribonucleotide' (DT)(DT)(DT)(DT)(DT)(DT)(DT)(DT)(DT)(DT)(DT) B
#
loop_
_chem_comp.id
_chem_comp.type
_chem_comp.name
_chem_comp.formula
DT DNA linking THYMIDINE-5'-MONOPHOSPHATE 'C10 H15 N2 O8 P'
SF4 non-polymer 'IRON/SULFUR CLUSTER' 'Fe4 S4'
#
# COMPACT_ATOMS: atom_id res chain seq x y z
N ALA A 2 -12.10 -29.08 18.44
CA ALA A 2 -12.35 -27.89 17.61
C ALA A 2 -12.64 -28.29 16.17
N LEU A 3 -11.91 -29.29 15.68
CA LEU A 3 -12.23 -29.86 14.37
C LEU A 3 -13.27 -30.95 14.60
N THR A 4 -14.52 -30.58 14.38
CA THR A 4 -15.61 -31.52 14.47
C THR A 4 -15.56 -32.51 13.32
N ALA A 5 -16.24 -33.64 13.52
CA ALA A 5 -16.37 -34.63 12.47
C ALA A 5 -17.06 -34.04 11.23
N ALA A 6 -18.16 -33.31 11.46
CA ALA A 6 -18.91 -32.74 10.34
C ALA A 6 -18.07 -31.73 9.58
N LEU A 7 -17.13 -31.08 10.27
CA LEU A 7 -16.33 -30.07 9.60
C LEU A 7 -15.26 -30.70 8.74
N LYS A 8 -14.56 -31.70 9.28
CA LYS A 8 -13.62 -32.45 8.45
C LYS A 8 -14.32 -33.03 7.24
N ALA A 9 -15.52 -33.59 7.43
CA ALA A 9 -16.28 -34.14 6.32
C ALA A 9 -16.61 -33.05 5.30
N GLN A 10 -16.95 -31.85 5.76
CA GLN A 10 -17.28 -30.78 4.83
C GLN A 10 -16.05 -30.35 4.03
N ILE A 11 -14.92 -30.15 4.71
CA ILE A 11 -13.69 -29.76 4.02
C ILE A 11 -13.30 -30.81 2.99
N ALA A 12 -13.28 -32.08 3.41
CA ALA A 12 -12.97 -33.17 2.49
C ALA A 12 -13.92 -33.19 1.31
N ALA A 13 -15.23 -33.08 1.56
CA ALA A 13 -16.19 -33.07 0.47
C ALA A 13 -15.88 -31.98 -0.53
N TRP A 14 -15.78 -30.72 -0.06
CA TRP A 14 -15.48 -29.63 -0.99
C TRP A 14 -14.16 -29.88 -1.72
N TYR A 15 -13.22 -30.57 -1.06
CA TYR A 15 -11.92 -30.81 -1.67
C TYR A 15 -12.03 -31.78 -2.84
N LYS A 16 -12.72 -32.91 -2.62
CA LYS A 16 -12.96 -33.86 -3.70
C LYS A 16 -13.83 -33.25 -4.79
N ALA A 17 -14.83 -32.44 -4.40
CA ALA A 17 -15.67 -31.76 -5.38
C ALA A 17 -14.83 -30.94 -6.34
N LEU A 18 -13.93 -30.10 -5.82
CA LEU A 18 -13.19 -29.21 -6.71
C LEU A 18 -12.12 -29.97 -7.46
N GLN A 19 -11.56 -30.99 -6.86
CA GLN A 19 -10.48 -31.65 -7.59
C GLN A 19 -10.98 -32.57 -8.68
N GLU A 20 -12.22 -33.05 -8.63
CA GLU A 20 -12.70 -33.92 -9.69
C GLU A 20 -13.88 -33.31 -10.42
N GLN A 21 -14.01 -31.99 -10.37
CA GLN A 21 -15.09 -31.34 -11.09
C GLN A 21 -14.66 -30.02 -11.69
N ILE A 22 -13.48 -29.52 -11.35
CA ILE A 22 -12.94 -28.37 -12.07
C ILE A 22 -11.74 -28.88 -12.87
N PRO A 23 -11.71 -28.65 -14.19
CA PRO A 23 -10.61 -29.16 -15.01
C PRO A 23 -9.28 -28.62 -14.51
N ASP A 24 -8.32 -29.52 -14.36
CA ASP A 24 -6.89 -29.26 -14.13
C ASP A 24 -6.58 -29.07 -12.65
N PHE A 25 -7.58 -29.01 -11.75
CA PHE A 25 -7.27 -28.90 -10.33
C PHE A 25 -6.44 -30.11 -9.88
N ILE A 26 -5.20 -29.86 -9.50
CA ILE A 26 -4.26 -30.93 -9.21
C ILE A 26 -3.90 -30.87 -7.73
N PRO A 27 -4.16 -31.93 -6.95
CA PRO A 27 -3.81 -31.93 -5.52
C PRO A 27 -2.30 -31.97 -5.31
N ARG A 28 -1.91 -31.63 -4.09
CA ARG A 28 -0.51 -31.61 -3.68
C ARG A 28 -0.45 -31.78 -2.18
N ALA A 29 0.63 -32.42 -1.71
CA ALA A 29 0.83 -32.57 -0.27
C ALA A 29 1.02 -31.23 0.46
N PRO A 30 1.81 -30.25 -0.02
CA PRO A 30 1.79 -28.94 0.66
C PRO A 30 0.40 -28.35 0.78
N GLN A 31 -0.44 -28.49 -0.23
CA GLN A 31 -1.81 -27.98 -0.17
C GLN A 31 -2.60 -28.64 0.96
N ARG A 32 -2.54 -29.97 1.05
CA ARG A 32 -3.20 -30.67 2.15
C ARG A 32 -2.70 -30.18 3.50
N GLN A 33 -1.39 -30.05 3.66
CA GLN A 33 -0.87 -29.54 4.93
C GLN A 33 -1.38 -28.14 5.23
N MET A 34 -1.42 -27.26 4.22
CA MET A 34 -1.84 -25.90 4.50
C MET A 34 -3.32 -25.84 4.86
N ILE A 35 -4.15 -26.65 4.18
CA ILE A 35 -5.56 -26.75 4.55
C ILE A 35 -5.69 -27.22 6.00
N ALA A 36 -4.97 -28.28 6.36
CA ALA A 36 -5.07 -28.79 7.72
C ALA A 36 -4.60 -27.76 8.75
N ASP A 37 -3.46 -27.10 8.49
CA ASP A 37 -2.92 -26.12 9.43
C ASP A 37 -3.85 -24.92 9.61
N VAL A 38 -4.41 -24.41 8.51
CA VAL A 38 -5.35 -23.30 8.57
C VAL A 38 -6.62 -23.75 9.31
N ALA A 39 -7.08 -24.97 9.04
CA ALA A 39 -8.27 -25.48 9.71
C ALA A 39 -8.06 -25.59 11.22
N LYS A 40 -6.91 -26.10 11.64
CA LYS A 40 -6.64 -26.23 13.07
C LYS A 40 -6.50 -24.87 13.73
N THR A 41 -5.78 -23.94 13.09
CA THR A 41 -5.62 -22.62 13.68
C THR A 41 -6.96 -21.89 13.82
N LEU A 42 -7.75 -21.85 12.73
CA LEU A 42 -9.02 -21.11 12.74
C LEU A 42 -10.07 -21.77 13.62
N ALA A 43 -10.01 -23.08 13.82
CA ALA A 43 -10.96 -23.70 14.77
C ALA A 43 -10.60 -23.50 16.23
N GLY A 44 -9.39 -23.01 16.54
CA GLY A 44 -8.92 -22.92 17.91
C GLY A 44 -8.22 -24.16 18.43
N GLU A 45 -7.89 -25.10 17.55
CA GLU A 45 -7.31 -26.36 17.99
C GLU A 45 -5.85 -26.24 18.35
N GLU A 46 -5.16 -25.22 17.86
CA GLU A 46 -3.71 -25.19 17.99
C GLU A 46 -3.20 -23.75 17.99
N GLY A 47 -2.95 -23.23 19.19
CA GLY A 47 -2.30 -21.96 19.33
C GLY A 47 -3.15 -20.77 18.97
N ARG A 48 -2.49 -19.69 18.60
CA ARG A 48 -3.20 -18.47 18.39
C ARG A 48 -3.29 -18.18 16.90
N HIS A 49 -2.21 -17.65 16.33
CA HIS A 49 -2.20 -17.22 14.94
C HIS A 49 -1.24 -18.10 14.15
N LEU A 50 -1.44 -18.16 12.84
CA LEU A 50 -0.56 -18.95 11.99
C LEU A 50 0.01 -18.11 10.87
N ALA A 51 1.33 -18.07 10.80
CA ALA A 51 2.08 -17.48 9.68
C ALA A 51 2.64 -18.63 8.85
N ILE A 52 1.97 -18.92 7.73
CA ILE A 52 2.33 -20.00 6.81
C ILE A 52 2.73 -19.39 5.45
N GLU A 53 3.99 -19.60 5.10
CA GLU A 53 4.54 -19.23 3.80
C GLU A 53 4.24 -20.30 2.76
N ALA A 54 3.51 -19.90 1.71
CA ALA A 54 3.03 -20.78 0.67
C ALA A 54 3.60 -20.30 -0.66
N PRO A 55 4.75 -20.85 -1.07
CA PRO A 55 5.36 -20.46 -2.34
C PRO A 55 4.42 -20.63 -3.52
N THR A 56 4.69 -19.86 -4.57
CA THR A 56 3.89 -19.98 -5.79
C THR A 56 3.86 -21.44 -6.28
N GLY A 57 2.66 -21.90 -6.65
CA GLY A 57 2.40 -23.27 -7.06
C GLY A 57 1.69 -24.12 -6.02
N VAL A 58 1.84 -23.76 -4.75
CA VAL A 58 1.22 -24.51 -3.66
C VAL A 58 -0.29 -24.51 -3.78
N GLY A 59 -0.88 -23.44 -4.31
CA GLY A 59 -2.31 -23.32 -4.38
C GLY A 59 -2.85 -22.69 -3.11
N LYS A 60 -2.32 -21.52 -2.79
CA LYS A 60 -2.44 -20.95 -1.45
C LYS A 60 -3.85 -20.46 -1.15
N THR A 61 -4.50 -19.82 -2.12
CA THR A 61 -5.77 -19.15 -1.85
C THR A 61 -6.89 -20.16 -1.62
N LEU A 62 -6.99 -21.19 -2.46
CA LEU A 62 -7.94 -22.26 -2.19
C LEU A 62 -7.64 -22.94 -0.86
N SER A 63 -6.35 -23.02 -0.52
CA SER A 63 -5.94 -23.72 0.68
C SER A 63 -6.47 -23.03 1.93
N TYR A 64 -6.53 -21.70 1.95
CA TYR A 64 -7.19 -21.11 3.11
C TYR A 64 -8.68 -20.85 2.90
N LEU A 65 -9.13 -20.73 1.65
CA LEU A 65 -10.54 -20.45 1.38
C LEU A 65 -11.42 -21.62 1.80
N ILE A 66 -11.01 -22.84 1.48
CA ILE A 66 -11.86 -24.01 1.75
C ILE A 66 -12.12 -24.18 3.25
N PRO A 67 -11.09 -24.32 4.10
CA PRO A 67 -11.37 -24.44 5.54
C PRO A 67 -11.97 -23.18 6.11
N GLY A 68 -11.51 -22.02 5.65
CA GLY A 68 -12.09 -20.77 6.14
C GLY A 68 -13.59 -20.72 5.94
N ILE A 69 -14.06 -21.05 4.73
CA ILE A 69 -15.49 -21.03 4.43
C ILE A 69 -16.23 -22.09 5.24
N ALA A 70 -15.64 -23.28 5.38
CA ALA A 70 -16.29 -24.33 6.15
C ALA A 70 -16.53 -23.88 7.58
N ILE A 71 -15.48 -23.41 8.25
CA ILE A 71 -15.59 -22.97 9.62
C ILE A 71 -16.53 -21.77 9.74
N ALA A 72 -16.53 -20.87 8.75
CA ALA A 72 -17.45 -19.74 8.82
C ALA A 72 -18.89 -20.20 8.78
N ARG A 73 -19.19 -21.18 7.92
CA ARG A 73 -20.55 -21.70 7.83
C ARG A 73 -20.97 -22.40 9.11
N GLU A 74 -20.11 -23.28 9.61
CA GLU A 74 -20.46 -24.01 10.82
C GLU A 74 -20.76 -23.06 11.98
N GLU A 75 -20.09 -21.91 12.01
CA GLU A 75 -20.10 -21.07 13.20
C GLU A 75 -20.89 -19.79 13.03
N GLN A 76 -21.63 -19.62 11.94
CA GLN A 76 -22.28 -18.34 11.64
C GLN A 76 -21.28 -17.18 11.84
N LYS A 77 -20.09 -17.33 11.28
CA LYS A 77 -19.08 -16.27 11.35
C LYS A 77 -18.77 -15.76 9.95
N THR A 78 -18.10 -14.60 9.89
CA THR A 78 -17.66 -14.01 8.63
C THR A 78 -16.19 -14.36 8.41
N LEU A 79 -15.88 -14.84 7.22
CA LEU A 79 -14.50 -15.01 6.80
C LEU A 79 -14.06 -13.74 6.11
N VAL A 80 -13.10 -13.03 6.69
CA VAL A 80 -12.52 -11.86 6.06
C VAL A 80 -11.19 -12.27 5.45
N VAL A 81 -11.10 -12.17 4.13
CA VAL A 81 -9.85 -12.39 3.40
C VAL A 81 -9.32 -11.03 3.01
N SER A 82 -8.13 -10.69 3.50
CA SER A 82 -7.54 -9.38 3.24
C SER A 82 -6.26 -9.53 2.44
N THR A 83 -6.11 -8.75 1.36
CA THR A 83 -4.89 -8.79 0.57
C THR A 83 -4.33 -7.38 0.41
N ALA A 84 -3.27 -7.23 -0.37
CA ALA A 84 -2.49 -5.99 -0.34
C ALA A 84 -3.17 -4.84 -1.07
N ASN A 85 -3.78 -5.08 -2.22
CA ASN A 85 -4.29 -3.97 -3.01
C ASN A 85 -5.50 -4.43 -3.81
N VAL A 86 -6.11 -3.48 -4.52
CA VAL A 86 -7.39 -3.72 -5.19
C VAL A 86 -7.25 -4.76 -6.30
N ALA A 87 -6.12 -4.77 -7.00
CA ALA A 87 -5.94 -5.75 -8.06
C ALA A 87 -5.96 -7.17 -7.50
N LEU A 88 -5.26 -7.39 -6.40
CA LEU A 88 -5.31 -8.71 -5.77
C LEU A 88 -6.70 -9.04 -5.24
N GLN A 89 -7.37 -8.06 -4.63
CA GLN A 89 -8.77 -8.24 -4.25
C GLN A 89 -9.61 -8.74 -5.42
N ASP A 90 -9.52 -8.06 -6.56
CA ASP A 90 -10.27 -8.44 -7.76
C ASP A 90 -9.89 -9.85 -8.21
N GLN A 91 -8.62 -10.22 -8.09
CA GLN A 91 -8.22 -11.58 -8.43
C GLN A 91 -8.94 -12.60 -7.55
N ILE A 92 -9.02 -12.35 -6.25
CA ILE A 92 -9.73 -13.25 -5.35
C ILE A 92 -11.22 -13.25 -5.64
N TYR A 93 -11.77 -12.07 -5.93
CA TYR A 93 -13.22 -11.91 -6.04
C TYR A 93 -13.73 -12.48 -7.35
N SER A 94 -12.95 -12.39 -8.42
CA SER A 94 -13.44 -12.74 -9.74
C SER A 94 -12.94 -14.09 -10.24
N LYS A 95 -11.94 -14.67 -9.60
CA LYS A 95 -11.39 -15.93 -10.09
C LYS A 95 -11.52 -17.06 -9.08
N ASP A 96 -11.05 -16.88 -7.86
CA ASP A 96 -11.08 -17.95 -6.85
C ASP A 96 -12.47 -18.17 -6.26
N LEU A 97 -13.09 -17.11 -5.75
CA LEU A 97 -14.39 -17.27 -5.12
C LEU A 97 -15.48 -17.80 -6.06
N PRO A 98 -15.60 -17.35 -7.31
CA PRO A 98 -16.60 -17.98 -8.20
C PRO A 98 -16.32 -19.45 -8.46
N LEU A 99 -15.04 -19.81 -8.53
CA LEU A 99 -14.67 -21.21 -8.64
C LEU A 99 -15.25 -22.01 -7.50
N LEU A 100 -15.09 -21.51 -6.27
CA LEU A 100 -15.71 -22.17 -5.13
C LEU A 100 -17.24 -22.11 -5.19
N LYS A 101 -17.78 -21.05 -5.76
CA LYS A 101 -19.23 -20.95 -5.91
C LYS A 101 -19.76 -22.08 -6.78
N LYS A 102 -18.95 -22.57 -7.72
CA LYS A 102 -19.39 -23.69 -8.53
C LYS A 102 -19.67 -24.93 -7.68
N ILE A 103 -18.78 -25.24 -6.73
CA ILE A 103 -19.03 -26.39 -5.87
C ILE A 103 -19.81 -26.01 -4.62
N ILE A 104 -19.88 -24.72 -4.29
CA ILE A 104 -20.72 -24.27 -3.17
C ILE A 104 -21.74 -23.28 -3.71
N PRO A 105 -22.74 -23.71 -4.49
CA PRO A 105 -23.69 -22.76 -5.09
C PRO A 105 -24.32 -21.83 -4.06
N ASP A 106 -24.34 -22.24 -2.80
CA ASP A 106 -24.92 -21.50 -1.69
C ASP A 106 -24.10 -20.28 -1.28
N LEU A 107 -22.92 -20.10 -1.85
CA LEU A 107 -21.90 -19.25 -1.23
C LEU A 107 -22.24 -17.77 -1.37
N LYS A 108 -22.04 -17.04 -0.29
CA LYS A 108 -22.34 -15.61 -0.22
C LYS A 108 -21.05 -14.86 0.02
N PHE A 109 -20.57 -14.12 -0.98
CA PHE A 109 -19.33 -13.40 -0.82
C PHE A 109 -19.40 -12.03 -1.46
N THR A 110 -18.68 -11.10 -0.87
CA THR A 110 -18.65 -9.73 -1.35
C THR A 110 -17.23 -9.19 -1.20
N ALA A 111 -17.01 -8.01 -1.76
CA ALA A 111 -15.73 -7.32 -1.69
C ALA A 111 -15.94 -5.95 -1.06
N ALA A 112 -14.92 -5.45 -0.37
CA ALA A 112 -15.06 -4.23 0.39
C ALA A 112 -13.92 -3.28 0.06
N PHE A 113 -14.25 -2.02 -0.17
CA PHE A 113 -13.28 -1.01 -0.53
C PHE A 113 -13.60 0.27 0.21
N GLY A 114 -12.59 1.15 0.28
CA GLY A 114 -12.76 2.44 0.90
C GLY A 114 -13.71 3.34 0.11
N ARG A 115 -14.35 4.26 0.85
CA ARG A 115 -15.31 5.18 0.27
C ARG A 115 -14.74 5.93 -0.92
N GLY A 116 -13.45 6.26 -0.89
CA GLY A 116 -12.86 7.03 -1.97
C GLY A 116 -12.83 6.32 -3.31
N ARG A 117 -13.04 5.01 -3.34
CA ARG A 117 -13.01 4.33 -4.63
C ARG A 117 -14.37 4.30 -5.33
N TYR A 118 -15.42 4.84 -4.70
CA TYR A 118 -16.78 4.72 -5.22
C TYR A 118 -17.20 6.03 -5.88
N VAL A 119 -17.86 5.90 -7.04
CA VAL A 119 -18.46 7.04 -7.70
C VAL A 119 -19.64 7.50 -6.87
N CYS A 120 -19.94 8.79 -6.95
CA CYS A 120 -21.09 9.36 -6.27
C CYS A 120 -22.14 9.67 -7.33
N PRO A 121 -23.27 8.89 -7.40
CA PRO A 121 -24.26 9.04 -8.49
C PRO A 121 -24.72 10.46 -8.75
N ARG A 122 -24.99 11.22 -7.68
CA ARG A 122 -25.38 12.62 -7.81
C ARG A 122 -24.36 13.41 -8.62
N ASN A 123 -23.10 13.42 -8.17
CA ASN A 123 -22.06 14.18 -8.87
C ASN A 123 -21.92 13.73 -10.31
N LEU A 124 -21.93 12.42 -10.56
CA LEU A 124 -21.76 11.94 -11.93
C LEU A 124 -22.93 12.38 -12.80
N THR A 125 -24.14 12.38 -12.25
CA THR A 125 -25.30 12.87 -13.00
C THR A 125 -25.09 14.33 -13.39
N ALA A 126 -24.60 15.14 -12.45
CA ALA A 126 -24.26 16.52 -12.78
C ALA A 126 -23.26 16.60 -13.93
N LEU A 127 -22.17 15.84 -13.84
CA LEU A 127 -21.12 15.89 -14.85
C LEU A 127 -21.57 15.35 -16.21
N ALA A 128 -22.52 14.44 -16.24
CA ALA A 128 -22.97 13.85 -17.49
C ALA A 128 -24.08 14.65 -18.15
N SER A 129 -24.92 15.31 -17.37
CA SER A 129 -26.13 15.93 -17.88
C SER A 129 -26.05 17.45 -17.94
N THR A 130 -24.90 18.03 -17.59
CA THR A 130 -24.78 19.48 -17.53
C THR A 130 -23.86 19.98 -18.63
N GLU A 131 -24.06 21.22 -19.03
CA GLU A 131 -23.36 21.75 -20.20
C GLU A 131 -21.96 22.24 -19.82
N PRO A 132 -20.95 21.93 -20.65
CA PRO A 132 -19.72 22.74 -20.61
C PRO A 132 -19.95 24.04 -21.36
N THR A 133 -19.85 25.18 -20.68
CA THR A 133 -20.03 26.47 -21.35
C THR A 133 -18.76 27.31 -21.18
N GLN A 134 -17.70 26.89 -21.91
CA GLN A 134 -16.49 27.68 -22.11
C GLN A 134 -15.82 28.07 -20.80
N GLN A 135 -15.85 27.15 -19.82
CA GLN A 135 -15.46 27.49 -18.46
C GLN A 135 -15.97 28.87 -18.14
N ASP A 136 -17.29 29.04 -18.19
CA ASP A 136 -17.91 30.28 -17.76
C ASP A 136 -17.20 30.71 -16.49
N LEU A 137 -16.54 31.86 -16.58
CA LEU A 137 -15.46 32.22 -15.67
C LEU A 137 -15.94 32.21 -14.23
N LEU A 138 -16.99 32.99 -13.98
CA LEU A 138 -17.63 32.98 -12.68
C LEU A 138 -18.05 31.55 -12.29
N ALA A 139 -18.49 30.75 -13.28
CA ALA A 139 -18.84 29.35 -12.97
C ALA A 139 -17.61 28.52 -12.60
N PHE A 140 -16.44 28.80 -13.22
CA PHE A 140 -15.23 28.08 -12.81
C PHE A 140 -14.83 28.46 -11.40
N LEU A 141 -14.93 29.74 -11.13
CA LEU A 141 -14.69 30.23 -9.80
C LEU A 141 -15.65 29.57 -8.81
N ASP A 142 -16.91 29.36 -9.22
CA ASP A 142 -17.88 28.63 -8.38
C ASP A 142 -17.54 27.14 -8.29
N ASP A 143 -16.72 26.62 -9.21
CA ASP A 143 -16.57 25.17 -9.39
C ASP A 143 -17.92 24.45 -9.29
N GLU A 144 -18.94 24.96 -9.99
CA GLU A 144 -20.28 24.40 -9.86
C GLU A 144 -20.66 23.15 -10.63
N LEU A 145 -19.92 22.07 -10.42
CA LEU A 145 -20.26 20.78 -11.02
C LEU A 145 -20.64 20.72 -12.50
N THR A 146 -19.80 21.27 -13.37
CA THR A 146 -20.07 21.22 -14.79
C THR A 146 -18.87 20.60 -15.49
N PRO A 147 -19.11 19.76 -16.51
CA PRO A 147 -17.92 19.19 -17.14
C PRO A 147 -17.02 20.31 -17.61
N ASN A 148 -15.74 20.23 -17.24
CA ASN A 148 -14.75 21.18 -17.75
C ASN A 148 -14.96 21.44 -19.24
N ASN A 149 -15.04 20.37 -20.05
CA ASN A 149 -15.20 20.54 -21.48
C ASN A 149 -16.10 19.43 -22.03
N GLN A 150 -16.28 19.42 -23.36
CA GLN A 150 -17.25 18.54 -24.00
C GLN A 150 -16.80 17.09 -24.00
N GLU A 151 -15.51 16.85 -24.25
CA GLU A 151 -14.97 15.49 -24.11
C GLU A 151 -15.30 14.92 -22.73
N GLU A 152 -15.00 15.68 -21.67
CA GLU A 152 -15.34 15.26 -20.31
C GLU A 152 -16.82 14.92 -20.18
N GLN A 153 -17.69 15.75 -20.77
CA GLN A 153 -19.12 15.51 -20.63
C GLN A 153 -19.55 14.20 -21.26
N LYS A 154 -19.09 13.92 -22.48
CA LYS A 154 -19.44 12.64 -23.11
C LYS A 154 -18.94 11.48 -22.26
N ARG A 155 -17.66 11.52 -21.85
CA ARG A 155 -17.12 10.41 -21.06
C ARG A 155 -17.99 10.15 -19.85
N CYS A 156 -18.37 11.21 -19.15
CA CYS A 156 -19.23 11.06 -18.00
C CYS A 156 -20.56 10.39 -18.38
N ALA A 157 -21.16 10.80 -19.51
CA ALA A 157 -22.43 10.18 -19.90
C ALA A 157 -22.26 8.69 -20.21
N LYS A 158 -21.13 8.30 -20.79
CA LYS A 158 -20.88 6.88 -21.00
C LYS A 158 -20.78 6.14 -19.67
N LEU A 159 -20.00 6.71 -18.74
CA LEU A 159 -19.88 6.09 -17.42
C LEU A 159 -21.24 5.93 -16.76
N LYS A 160 -22.10 6.95 -16.89
CA LYS A 160 -23.43 6.90 -16.30
C LYS A 160 -24.29 5.83 -16.97
N GLY A 161 -24.16 5.68 -18.30
CA GLY A 161 -24.87 4.63 -18.97
C GLY A 161 -24.47 3.26 -18.46
N ASP A 162 -23.17 3.05 -18.26
CA ASP A 162 -22.68 1.79 -17.72
C ASP A 162 -23.16 1.56 -16.30
N LEU A 163 -23.11 2.62 -15.47
CA LEU A 163 -23.55 2.53 -14.08
C LEU A 163 -25.00 2.14 -14.01
N ASP A 164 -25.83 2.76 -14.84
CA ASP A 164 -27.26 2.56 -14.74
C ASP A 164 -27.69 1.19 -15.25
N THR A 165 -26.93 0.58 -16.15
CA THR A 165 -27.26 -0.75 -16.65
C THR A 165 -26.44 -1.86 -16.01
N TYR A 166 -25.59 -1.53 -15.05
CA TYR A 166 -24.74 -2.47 -14.32
C TYR A 166 -23.63 -3.07 -15.19
N LYS A 167 -23.23 -2.39 -16.25
CA LYS A 167 -21.93 -2.69 -16.83
C LYS A 167 -20.81 -2.19 -15.93
N TRP A 168 -21.10 -1.21 -15.07
CA TRP A 168 -20.12 -0.62 -14.18
C TRP A 168 -20.69 -0.59 -12.77
N ASP A 169 -19.93 -1.13 -11.81
CA ASP A 169 -20.39 -1.18 -10.43
C ASP A 169 -20.15 0.14 -9.69
N GLY A 170 -19.48 1.11 -10.29
CA GLY A 170 -19.19 2.36 -9.63
C GLY A 170 -17.81 2.46 -9.02
N LEU A 171 -17.03 1.39 -9.02
CA LEU A 171 -15.68 1.45 -8.47
C LEU A 171 -14.69 1.88 -9.53
N ARG A 172 -13.79 2.79 -9.13
CA ARG A 172 -12.87 3.40 -10.08
C ARG A 172 -12.08 2.37 -10.88
N ASP A 173 -11.70 1.25 -10.26
CA ASP A 173 -10.81 0.28 -10.90
C ASP A 173 -11.53 -0.74 -11.73
N HIS A 174 -12.85 -0.70 -11.73
CA HIS A 174 -13.62 -1.69 -12.44
C HIS A 174 -14.15 -1.16 -13.75
N THR A 175 -13.61 -0.05 -14.22
CA THR A 175 -14.00 0.47 -15.53
C THR A 175 -12.78 0.66 -16.42
N ASP A 176 -13.01 0.45 -17.72
CA ASP A 176 -12.00 0.65 -18.75
C ASP A 176 -11.76 2.12 -19.06
N ILE A 177 -12.72 3.00 -18.76
CA ILE A 177 -12.62 4.41 -19.13
C ILE A 177 -11.63 5.09 -18.20
N ALA A 178 -10.57 5.66 -18.78
CA ALA A 178 -9.58 6.37 -17.99
C ALA A 178 -10.21 7.56 -17.29
N ILE A 179 -10.00 7.65 -15.98
CA ILE A 179 -10.53 8.74 -15.18
C ILE A 179 -9.36 9.49 -14.56
N ASP A 180 -9.23 10.77 -14.94
CA ASP A 180 -8.25 11.67 -14.35
C ASP A 180 -8.45 11.76 -12.84
N ASP A 181 -7.34 11.93 -12.12
CA ASP A 181 -7.41 12.03 -10.67
C ASP A 181 -8.27 13.21 -10.23
N ASP A 182 -8.09 14.37 -10.88
CA ASP A 182 -8.96 15.51 -10.62
C ASP A 182 -10.42 15.12 -10.82
N LEU A 183 -10.73 14.57 -12.01
CA LEU A 183 -12.09 14.11 -12.30
C LEU A 183 -12.60 13.20 -11.19
N TRP A 184 -11.79 12.25 -10.74
CA TRP A 184 -12.24 11.34 -9.71
C TRP A 184 -12.56 12.10 -8.43
N ARG A 185 -11.74 13.09 -8.08
CA ARG A 185 -12.01 13.90 -6.90
C ARG A 185 -13.38 14.54 -6.99
N ARG A 186 -13.79 14.95 -8.18
CA ARG A 186 -15.13 15.52 -8.30
C ARG A 186 -16.22 14.45 -8.28
N LEU A 187 -15.95 13.27 -8.85
CA LEU A 187 -16.98 12.23 -8.97
C LEU A 187 -17.28 11.53 -7.65
N SER A 188 -16.38 11.60 -6.68
CA SER A 188 -16.57 11.03 -5.36
C SER A 188 -16.71 12.17 -4.35
N THR A 189 -17.17 11.84 -3.14
CA THR A 189 -17.38 12.86 -2.13
C THR A 189 -16.94 12.35 -0.77
N ASP A 190 -16.57 13.30 0.07
CA ASP A 190 -16.23 13.00 1.46
C ASP A 190 -17.50 12.71 2.25
N LYS A 191 -17.35 11.95 3.35
CA LYS A 191 -18.50 11.53 4.16
C LYS A 191 -19.42 12.70 4.49
N ALA A 192 -18.85 13.81 4.94
CA ALA A 192 -19.65 15.00 5.23
C ALA A 192 -20.30 15.52 3.96
N SER A 193 -19.55 15.59 2.86
CA SER A 193 -20.07 16.15 1.62
C SER A 193 -21.27 15.37 1.10
N CYS A 194 -21.36 14.08 1.45
CA CYS A 194 -22.49 13.26 1.03
C CYS A 194 -23.77 13.70 1.73
N LEU A 195 -24.91 13.40 1.10
CA LEU A 195 -26.21 13.76 1.65
C LEU A 195 -26.87 12.64 2.45
N ASN A 196 -26.32 11.42 2.44
CA ASN A 196 -26.79 10.29 3.24
C ASN A 196 -28.29 10.10 2.98
N ARG A 197 -29.13 10.05 4.01
CA ARG A 197 -30.56 9.81 3.82
C ARG A 197 -31.24 10.94 3.06
N ASN A 198 -30.64 12.13 3.03
CA ASN A 198 -31.28 13.24 2.35
C ASN A 198 -31.24 13.06 0.84
N CYS A 199 -30.17 12.47 0.31
CA CYS A 199 -30.04 12.39 -1.13
C CYS A 199 -31.09 11.48 -1.73
N TYR A 200 -31.62 11.92 -2.87
CA TYR A 200 -32.57 11.18 -3.67
C TYR A 200 -31.96 9.97 -4.36
N TYR A 201 -30.66 9.74 -4.21
CA TYR A 201 -30.01 8.55 -4.73
C TYR A 201 -29.66 7.56 -3.63
N TYR A 202 -29.94 7.89 -2.36
CA TYR A 202 -29.30 7.20 -1.24
C TYR A 202 -29.53 5.69 -1.28
N ARG A 203 -30.72 5.28 -1.72
CA ARG A 203 -30.99 3.85 -1.86
C ARG A 203 -30.21 3.24 -3.03
N GLU A 204 -29.69 4.08 -3.93
CA GLU A 204 -29.02 3.64 -5.14
C GLU A 204 -27.49 3.78 -5.08
N CYS A 205 -26.93 4.15 -3.95
CA CYS A 205 -25.52 4.51 -4.00
C CYS A 205 -24.65 3.26 -3.92
N PRO A 206 -23.74 3.06 -4.87
CA PRO A 206 -22.90 1.86 -4.86
C PRO A 206 -22.23 1.60 -3.53
N PHE A 207 -21.70 2.64 -2.88
CA PHE A 207 -20.92 2.44 -1.66
C PHE A 207 -21.77 1.86 -0.54
N PHE A 208 -22.91 2.48 -0.26
CA PHE A 208 -23.82 1.99 0.77
C PHE A 208 -24.35 0.60 0.44
N VAL A 209 -24.62 0.33 -0.83
CA VAL A 209 -25.05 -1.02 -1.23
C VAL A 209 -23.97 -2.04 -0.94
N ALA A 210 -22.72 -1.69 -1.23
CA ALA A 210 -21.61 -2.59 -0.96
C ALA A 210 -21.49 -2.88 0.53
N ARG A 211 -21.65 -1.85 1.36
CA ARG A 211 -21.60 -2.08 2.80
C ARG A 211 -22.78 -2.93 3.26
N ARG A 212 -23.95 -2.74 2.66
CA ARG A 212 -25.08 -3.62 2.99
C ARG A 212 -24.75 -5.06 2.65
N GLU A 213 -24.08 -5.29 1.52
CA GLU A 213 -23.71 -6.65 1.18
C GLU A 213 -22.76 -7.23 2.22
N ILE A 214 -21.93 -6.37 2.83
CA ILE A 214 -21.00 -6.89 3.84
C ILE A 214 -21.75 -7.62 4.95
N GLN A 215 -22.95 -7.13 5.25
CA GLN A 215 -23.59 -7.50 6.52
C GLN A 215 -24.03 -8.96 6.53
N GLU A 216 -24.55 -9.44 5.41
CA GLU A 216 -25.01 -10.81 5.34
C GLU A 216 -24.04 -11.74 4.60
N ALA A 217 -22.79 -11.33 4.37
CA ALA A 217 -21.92 -12.18 3.56
C ALA A 217 -21.16 -13.17 4.42
N GLU A 218 -20.77 -14.28 3.79
CA GLU A 218 -19.94 -15.27 4.44
C GLU A 218 -18.46 -15.00 4.28
N VAL A 219 -18.06 -14.49 3.12
CA VAL A 219 -16.68 -14.09 2.82
C VAL A 219 -16.69 -12.63 2.37
N VAL A 220 -15.87 -11.80 3.02
CA VAL A 220 -15.61 -10.42 2.62
C VAL A 220 -14.16 -10.32 2.16
N VAL A 221 -13.96 -9.84 0.94
CA VAL A 221 -12.61 -9.62 0.41
C VAL A 221 -12.26 -8.17 0.62
N ALA A 222 -11.23 -7.93 1.43
CA ALA A 222 -10.81 -6.62 1.87
C ALA A 222 -9.33 -6.43 1.55
N ASN A 223 -8.86 -5.20 1.75
CA ASN A 223 -7.44 -4.91 1.68
C ASN A 223 -6.94 -4.53 3.06
N HIS A 224 -5.63 -4.61 3.25
CA HIS A 224 -5.08 -4.45 4.60
C HIS A 224 -5.37 -3.08 5.17
N ALA A 225 -5.29 -2.03 4.35
CA ALA A 225 -5.57 -0.70 4.86
C ALA A 225 -6.99 -0.63 5.39
N LEU A 226 -7.94 -1.18 4.64
CA LEU A 226 -9.33 -1.16 5.08
C LEU A 226 -9.52 -1.94 6.38
N VAL A 227 -8.94 -3.13 6.47
CA VAL A 227 -9.10 -3.93 7.69
C VAL A 227 -8.55 -3.17 8.89
N MET A 228 -7.35 -2.59 8.74
CA MET A 228 -6.80 -1.83 9.84
C MET A 228 -7.74 -0.70 10.25
N ALA A 229 -8.25 0.04 9.26
CA ALA A 229 -9.14 1.15 9.55
C ALA A 229 -10.42 0.68 10.23
N ALA A 230 -10.91 -0.51 9.87
CA ALA A 230 -12.07 -1.10 10.51
C ALA A 230 -11.78 -1.59 11.92
N MET A 231 -10.52 -1.89 12.23
CA MET A 231 -10.19 -2.19 13.62
C MET A 231 -10.04 -0.92 14.46
N GLU A 232 -9.62 0.21 13.90
CA GLU A 232 -9.54 1.46 14.68
C GLU A 232 -10.92 2.03 14.94
N SER A 233 -11.59 2.42 13.87
CA SER A 233 -13.02 2.69 13.91
C SER A 233 -13.74 1.36 13.85
N GLU A 234 -14.44 0.99 14.91
CA GLU A 234 -15.11 -0.31 14.96
C GLU A 234 -16.40 -0.25 14.15
N ALA A 235 -16.26 0.08 12.86
CA ALA A 235 -17.37 0.67 12.13
C ALA A 235 -17.77 0.00 10.81
N VAL A 236 -16.91 -0.75 10.12
CA VAL A 236 -17.28 -1.25 8.81
C VAL A 236 -17.37 -2.78 8.76
N LEU A 237 -16.60 -3.48 9.55
CA LEU A 237 -16.64 -4.93 9.59
C LEU A 237 -17.42 -5.40 10.82
N PRO A 238 -17.80 -6.70 10.87
CA PRO A 238 -18.43 -7.23 12.08
C PRO A 238 -17.50 -7.19 13.27
N ASP A 239 -18.01 -7.55 14.44
CA ASP A 239 -17.21 -7.54 15.67
C ASP A 239 -16.02 -8.49 15.54
N PRO A 240 -14.80 -8.04 15.86
CA PRO A 240 -13.63 -8.93 15.79
C PRO A 240 -13.83 -10.34 16.32
N LYS A 241 -14.47 -10.52 17.48
CA LYS A 241 -14.63 -11.86 18.03
C LYS A 241 -15.37 -12.78 17.07
N ASN A 242 -16.23 -12.24 16.22
CA ASN A 242 -17.00 -13.01 15.25
C ASN A 242 -16.30 -13.16 13.93
N LEU A 243 -15.01 -12.93 13.87
CA LEU A 243 -14.29 -12.87 12.60
C LEU A 243 -13.29 -14.01 12.47
N LEU A 244 -13.28 -14.63 11.30
CA LEU A 244 -12.16 -15.40 10.82
C LEU A 244 -11.40 -14.49 9.85
N LEU A 245 -10.11 -14.32 10.05
CA LEU A 245 -9.34 -13.34 9.29
C LEU A 245 -8.17 -14.04 8.62
N VAL A 246 -8.10 -13.90 7.29
CA VAL A 246 -6.93 -14.33 6.54
C VAL A 246 -6.25 -13.10 5.96
N LEU A 247 -4.98 -12.91 6.31
CA LEU A 247 -4.19 -11.80 5.82
C LEU A 247 -3.24 -12.37 4.76
N ASP A 248 -3.76 -12.53 3.56
CA ASP A 248 -2.95 -12.84 2.39
C ASP A 248 -1.99 -11.69 2.13
N GLU A 249 -0.93 -11.98 1.37
CA GLU A 249 0.15 -11.02 1.14
C GLU A 249 0.58 -10.36 2.45
N GLY A 250 0.74 -11.20 3.49
CA GLY A 250 0.86 -10.74 4.85
C GLY A 250 2.15 -10.00 5.16
N HIS A 251 3.19 -10.17 4.33
CA HIS A 251 4.45 -9.48 4.57
C HIS A 251 4.28 -7.97 4.56
N HIS A 252 3.21 -7.47 3.96
CA HIS A 252 2.96 -6.03 3.91
C HIS A 252 2.45 -5.48 5.22
N LEU A 253 2.15 -6.34 6.18
CA LEU A 253 1.35 -5.89 7.32
C LEU A 253 2.02 -4.81 8.15
N PRO A 254 3.30 -4.92 8.54
CA PRO A 254 3.89 -3.82 9.32
C PRO A 254 3.87 -2.49 8.61
N ASP A 255 4.25 -2.47 7.33
CA ASP A 255 4.23 -1.23 6.55
C ASP A 255 2.85 -0.60 6.59
N VAL A 256 1.80 -1.40 6.41
CA VAL A 256 0.45 -0.86 6.50
C VAL A 256 0.20 -0.29 7.88
N ALA A 257 0.56 -1.05 8.92
CA ALA A 257 0.38 -0.54 10.26
C ALA A 257 1.13 0.76 10.45
N ARG A 258 2.27 0.92 9.77
CA ARG A 258 3.09 2.09 10.00
C ARG A 258 2.41 3.37 9.54
N ASP A 259 1.36 3.26 8.71
CA ASP A 259 0.64 4.46 8.31
C ASP A 259 0.04 5.17 9.53
N ALA A 260 -0.27 4.42 10.59
CA ALA A 260 -0.84 5.06 11.78
C ALA A 260 0.20 5.86 12.55
N LEU A 261 1.49 5.67 12.25
CA LEU A 261 2.58 6.37 12.92
C LEU A 261 3.39 7.22 11.93
N GLU A 262 2.73 7.78 10.94
CA GLU A 262 3.41 8.54 9.89
C GLU A 262 2.67 9.85 9.66
N MET A 263 3.40 10.96 9.78
CA MET A 263 2.78 12.21 9.35
C MET A 263 3.86 13.20 8.95
N SER A 264 3.60 13.93 7.87
CA SER A 264 4.36 15.09 7.47
C SER A 264 3.38 16.24 7.35
N ALA A 265 3.77 17.42 7.83
CA ALA A 265 2.88 18.57 7.71
C ALA A 265 3.68 19.85 7.69
N GLU A 266 3.09 20.86 7.06
CA GLU A 266 3.72 22.17 6.97
C GLU A 266 3.56 22.93 8.28
N ILE A 267 4.60 23.66 8.66
CA ILE A 267 4.60 24.36 9.93
C ILE A 267 5.11 25.79 9.79
N THR A 268 5.45 26.21 8.57
CA THR A 268 6.03 27.53 8.38
C THR A 268 5.07 28.61 8.89
N ALA A 269 5.63 29.59 9.61
CA ALA A 269 4.82 30.50 10.43
C ALA A 269 3.86 31.39 9.65
N PRO A 270 4.25 32.04 8.54
CA PRO A 270 3.25 32.88 7.83
C PRO A 270 2.06 32.07 7.34
N TRP A 271 2.31 30.99 6.63
CA TRP A 271 1.26 30.07 6.22
C TRP A 271 0.36 29.69 7.40
N TYR A 272 0.98 29.37 8.54
CA TYR A 272 0.20 28.99 9.71
C TYR A 272 -0.71 30.13 10.18
N ARG A 273 -0.16 31.35 10.29
CA ARG A 273 -0.96 32.53 10.59
C ARG A 273 -2.18 32.62 9.66
N LEU A 274 -1.96 32.44 8.35
CA LEU A 274 -3.06 32.46 7.39
C LEU A 274 -4.09 31.39 7.72
N GLN A 275 -3.64 30.14 7.92
CA GLN A 275 -4.56 29.05 8.22
C GLN A 275 -5.43 29.35 9.45
N LEU A 276 -4.80 29.84 10.53
CA LEU A 276 -5.56 30.11 11.73
C LEU A 276 -6.54 31.24 11.54
N ASP A 277 -6.13 32.29 10.79
CA ASP A 277 -7.05 33.38 10.52
C ASP A 277 -8.24 32.90 9.72
N LEU A 278 -7.99 32.11 8.68
CA LEU A 278 -9.07 31.54 7.89
C LEU A 278 -10.00 30.72 8.76
N PHE A 279 -9.45 29.94 9.70
CA PHE A 279 -10.30 29.08 10.50
C PHE A 279 -11.18 29.89 11.43
N THR A 280 -10.60 30.85 12.15
CA THR A 280 -11.39 31.71 13.03
C THR A 280 -12.54 32.36 12.26
N LYS A 281 -12.22 33.02 11.14
CA LYS A 281 -13.24 33.63 10.32
C LYS A 281 -14.31 32.62 9.90
N LEU A 282 -13.88 31.41 9.58
CA LEU A 282 -14.83 30.40 9.14
C LEU A 282 -15.74 29.92 10.26
N VAL A 283 -15.24 29.83 11.49
CA VAL A 283 -16.09 29.43 12.61
C VAL A 283 -17.13 30.49 12.88
N ALA A 284 -16.71 31.76 12.89
CA ALA A 284 -17.66 32.84 13.10
C ALA A 284 -18.72 32.87 12.01
N THR A 285 -18.31 32.64 10.75
CA THR A 285 -19.33 32.64 9.70
C THR A 285 -20.23 31.42 9.81
N CYS A 286 -19.73 30.29 10.30
CA CYS A 286 -20.61 29.15 10.54
C CYS A 286 -21.67 29.49 11.58
N MET A 287 -21.24 30.03 12.72
CA MET A 287 -22.18 30.39 13.77
C MET A 287 -23.23 31.38 13.28
N GLU A 288 -22.82 32.36 12.46
CA GLU A 288 -23.78 33.34 11.97
C GLU A 288 -24.74 32.73 10.97
N GLN A 289 -24.21 32.00 9.99
CA GLN A 289 -24.99 31.46 8.87
C GLN A 289 -25.89 30.31 9.30
N PHE A 290 -25.35 29.38 10.07
CA PHE A 290 -26.07 28.21 10.55
C PHE A 290 -25.65 28.06 12.00
N ARG A 291 -26.44 28.58 12.92
CA ARG A 291 -26.12 28.31 14.31
C ARG A 291 -26.12 26.80 14.51
N PRO A 292 -25.04 26.22 15.00
CA PRO A 292 -25.02 24.79 15.25
C PRO A 292 -25.88 24.45 16.44
N LYS A 293 -26.33 23.21 16.44
CA LYS A 293 -27.07 22.70 17.58
C LYS A 293 -26.22 22.76 18.84
N THR A 294 -24.92 22.49 18.71
CA THR A 294 -23.99 22.32 19.82
C THR A 294 -22.89 23.37 19.72
N ILE A 295 -22.79 24.25 20.70
CA ILE A 295 -21.81 25.33 20.66
C ILE A 295 -20.74 25.14 21.73
N PRO A 296 -19.58 24.58 21.39
CA PRO A 296 -18.56 24.34 22.41
C PRO A 296 -17.95 25.64 22.91
N PRO A 297 -17.40 25.64 24.12
CA PRO A 297 -16.76 26.86 24.62
C PRO A 297 -15.64 27.36 23.73
N LEU A 298 -14.97 26.45 23.01
CA LEU A 298 -13.89 26.89 22.12
C LEU A 298 -14.42 27.75 20.97
N ALA A 299 -15.67 27.56 20.56
CA ALA A 299 -16.22 28.34 19.46
C ALA A 299 -16.48 29.79 19.83
N ILE A 300 -16.52 30.10 21.12
CA ILE A 300 -16.67 31.47 21.61
C ILE A 300 -15.48 32.27 21.09
N PRO A 301 -15.71 33.36 20.37
CA PRO A 301 -14.60 34.02 19.65
C PRO A 301 -13.44 34.41 20.53
N GLU A 302 -13.72 35.05 21.68
CA GLU A 302 -12.67 35.39 22.62
C GLU A 302 -11.80 34.16 22.91
N ARG A 303 -12.45 33.05 23.25
CA ARG A 303 -11.70 31.84 23.56
C ARG A 303 -11.02 31.29 22.31
N LEU A 304 -11.73 31.27 21.17
CA LEU A 304 -11.15 30.66 19.98
C LEU A 304 -9.86 31.35 19.58
N ASN A 305 -9.81 32.68 19.62
CA ASN A 305 -8.57 33.26 19.12
C ASN A 305 -7.56 33.54 20.22
N ALA A 306 -7.94 33.44 21.50
CA ALA A 306 -6.90 33.24 22.51
C ALA A 306 -6.18 31.91 22.24
N HIS A 307 -6.97 30.87 21.99
CA HIS A 307 -6.43 29.56 21.68
C HIS A 307 -5.52 29.62 20.44
N CYS A 308 -6.02 30.21 19.36
CA CYS A 308 -5.25 30.28 18.13
C CYS A 308 -4.00 31.13 18.29
N GLU A 309 -4.08 32.23 19.04
CA GLU A 309 -2.88 33.04 19.25
C GLU A 309 -1.81 32.26 20.00
N GLU A 310 -2.23 31.47 21.01
CA GLU A 310 -1.24 30.67 21.72
C GLU A 310 -0.61 29.63 20.80
N LEU A 311 -1.44 28.97 19.99
CA LEU A 311 -0.91 28.04 19.00
C LEU A 311 0.10 28.74 18.10
N TYR A 312 -0.27 29.89 17.55
CA TYR A 312 0.62 30.60 16.65
C TYR A 312 1.95 30.91 17.32
N GLU A 313 1.89 31.44 18.55
CA GLU A 313 3.12 31.79 19.26
C GLU A 313 4.02 30.58 19.40
N LEU A 314 3.42 29.43 19.73
CA LEU A 314 4.20 28.20 19.80
C LEU A 314 4.83 27.85 18.45
N ILE A 315 4.04 27.90 17.37
CA ILE A 315 4.56 27.59 16.04
C ILE A 315 5.73 28.50 15.68
N ALA A 316 5.60 29.79 15.97
CA ALA A 316 6.65 30.76 15.63
C ALA A 316 7.93 30.47 16.41
N SER A 317 7.79 30.14 17.70
CA SER A 317 8.95 29.73 18.48
C SER A 317 9.63 28.52 17.85
N LEU A 318 8.83 27.51 17.50
CA LEU A 318 9.40 26.33 16.87
C LEU A 318 10.10 26.67 15.57
N ASN A 319 9.51 27.57 14.79
CA ASN A 319 10.15 28.01 13.55
C ASN A 319 11.54 28.56 13.83
N ASN A 320 11.63 29.50 14.78
CA ASN A 320 12.93 30.09 15.09
C ASN A 320 13.93 29.02 15.52
N ILE A 321 13.52 28.15 16.45
CA ILE A 321 14.42 27.11 16.94
C ILE A 321 14.94 26.26 15.79
N LEU A 322 14.03 25.67 15.00
CA LEU A 322 14.43 24.81 13.90
C LEU A 322 15.26 25.56 12.86
N ASN A 323 14.97 26.84 12.66
CA ASN A 323 15.71 27.62 11.68
C ASN A 323 17.17 27.80 12.10
N LEU A 324 17.45 27.72 13.41
CA LEU A 324 18.85 27.76 13.81
C LEU A 324 19.65 26.51 13.41
N TYR A 325 18.97 25.40 13.08
CA TYR A 325 19.72 24.22 12.64
C TYR A 325 20.19 24.34 11.20
N MET A 326 19.61 25.26 10.43
CA MET A 326 19.75 25.18 8.99
C MET A 326 20.28 26.50 8.43
N PRO A 327 21.03 26.44 7.35
CA PRO A 327 21.49 27.67 6.70
C PRO A 327 20.32 28.51 6.24
N ALA A 328 20.49 29.83 6.31
CA ALA A 328 19.44 30.73 5.92
C ALA A 328 19.28 30.76 4.40
N GLY A 329 18.07 31.09 3.95
CA GLY A 329 17.76 31.24 2.55
C GLY A 329 17.96 30.00 1.70
N GLN A 330 18.14 28.84 2.32
CA GLN A 330 18.48 27.63 1.60
C GLN A 330 17.48 26.54 1.90
N GLU A 331 17.29 25.64 0.94
CA GLU A 331 16.65 24.37 1.24
C GLU A 331 17.56 23.59 2.19
N ALA A 332 16.97 22.92 3.17
CA ALA A 332 17.80 22.31 4.21
C ALA A 332 17.03 21.22 4.91
N GLU A 333 17.65 20.66 5.94
CA GLU A 333 17.17 19.44 6.57
C GLU A 333 17.81 19.36 7.94
N HIS A 334 17.05 18.94 8.93
CA HIS A 334 17.67 18.60 10.21
C HIS A 334 16.94 17.42 10.82
N ARG A 335 17.70 16.39 11.17
CA ARG A 335 17.17 15.18 11.77
C ARG A 335 17.58 15.17 13.24
N PHE A 336 16.68 14.71 14.10
CA PHE A 336 17.02 14.57 15.51
C PHE A 336 17.51 13.15 15.79
N ALA A 337 18.75 13.04 16.24
CA ALA A 337 19.33 11.74 16.56
C ALA A 337 18.50 11.02 17.61
N MET A 338 18.37 9.71 17.44
CA MET A 338 17.57 8.83 18.30
C MET A 338 16.13 9.29 18.41
N GLY A 339 15.67 10.11 17.46
CA GLY A 339 14.34 10.67 17.55
C GLY A 339 14.08 11.40 18.85
N GLU A 340 15.12 11.90 19.49
CA GLU A 340 15.00 12.55 20.78
C GLU A 340 15.09 14.06 20.63
N LEU A 341 14.04 14.76 21.04
CA LEU A 341 13.90 16.22 20.95
C LEU A 341 14.54 16.90 22.15
N PRO A 342 15.22 18.03 21.97
CA PRO A 342 15.64 18.81 23.14
C PRO A 342 14.43 19.29 23.92
N ASP A 343 14.61 19.43 25.24
CA ASP A 343 13.50 19.59 26.17
C ASP A 343 12.54 20.70 25.76
N GLU A 344 13.07 21.86 25.36
CA GLU A 344 12.18 22.95 24.99
C GLU A 344 11.31 22.57 23.80
N VAL A 345 11.93 21.94 22.79
CA VAL A 345 11.20 21.53 21.60
C VAL A 345 10.14 20.48 21.94
N LEU A 346 10.49 19.52 22.80
CA LEU A 346 9.51 18.52 23.23
C LEU A 346 8.33 19.20 23.93
N GLU A 347 8.63 20.09 24.87
CA GLU A 347 7.60 20.85 25.56
C GLU A 347 6.65 21.53 24.57
N ILE A 348 7.22 22.26 23.61
CA ILE A 348 6.42 22.90 22.57
C ILE A 348 5.54 21.87 21.85
N CYS A 349 6.12 20.72 21.50
CA CYS A 349 5.35 19.74 20.72
C CYS A 349 4.22 19.14 21.53
N GLN A 350 4.40 18.99 22.84
CA GLN A 350 3.31 18.54 23.70
C GLN A 350 2.17 19.56 23.71
N ARG A 351 2.51 20.83 23.92
CA ARG A 351 1.45 21.84 23.95
C ARG A 351 0.75 21.95 22.58
N LEU A 352 1.54 21.92 21.49
CA LEU A 352 0.96 21.92 20.15
C LEU A 352 0.00 20.75 19.96
N ALA A 353 0.41 19.57 20.43
CA ALA A 353 -0.47 18.41 20.32
C ALA A 353 -1.81 18.68 20.96
N LYS A 354 -1.80 19.25 22.17
CA LYS A 354 -3.06 19.53 22.84
C LYS A 354 -3.89 20.54 22.06
N LEU A 355 -3.28 21.64 21.63
CA LEU A 355 -4.03 22.72 20.99
C LEU A 355 -4.58 22.31 19.63
N THR A 356 -3.78 21.59 18.83
CA THR A 356 -4.25 21.17 17.52
C THR A 356 -5.32 20.10 17.64
N GLU A 357 -5.20 19.22 18.64
CA GLU A 357 -6.26 18.25 18.87
C GLU A 357 -7.57 18.94 19.22
N MET A 358 -7.51 19.96 20.08
CA MET A 358 -8.72 20.72 20.40
C MET A 358 -9.32 21.35 19.15
N LEU A 359 -8.48 21.92 18.29
CA LEU A 359 -9.02 22.54 17.07
C LEU A 359 -9.61 21.51 16.14
N ARG A 360 -9.02 20.32 16.09
CA ARG A 360 -9.55 19.25 15.27
C ARG A 360 -10.93 18.83 15.78
N GLY A 361 -11.08 18.73 17.10
CA GLY A 361 -12.38 18.40 17.66
C GLY A 361 -13.43 19.44 17.35
N LEU A 362 -13.08 20.73 17.47
CA LEU A 362 -14.04 21.77 17.10
C LEU A 362 -14.46 21.63 15.64
N ALA A 363 -13.48 21.54 14.73
CA ALA A 363 -13.78 21.43 13.31
C ALA A 363 -14.66 20.23 13.01
N GLU A 364 -14.40 19.11 13.68
CA GLU A 364 -15.17 17.89 13.44
C GLU A 364 -16.62 18.08 13.88
N LEU A 365 -16.81 18.66 15.07
CA LEU A 365 -18.15 18.90 15.58
C LEU A 365 -18.95 19.80 14.65
N PHE A 366 -18.34 20.92 14.23
CA PHE A 366 -18.99 21.79 13.26
C PHE A 366 -19.31 21.05 11.97
N LEU A 367 -18.37 20.24 11.49
CA LEU A 367 -18.59 19.55 10.23
C LEU A 367 -19.79 18.62 10.31
N ASN A 368 -19.88 17.84 11.40
CA ASN A 368 -21.01 16.94 11.57
C ASN A 368 -22.30 17.72 11.73
N ASP A 369 -22.24 18.88 12.38
CA ASP A 369 -23.43 19.71 12.54
C ASP A 369 -23.92 20.19 11.18
N LEU A 370 -23.00 20.63 10.32
CA LEU A 370 -23.42 21.09 8.99
C LEU A 370 -23.98 19.94 8.17
N SER A 371 -23.34 18.78 8.23
CA SER A 371 -23.80 17.63 7.46
C SER A 371 -25.17 17.15 7.94
N GLU A 372 -25.40 17.21 9.25
CA GLU A 372 -26.70 16.89 9.81
C GLU A 372 -27.78 17.77 9.20
N LYS A 373 -27.52 19.07 9.11
CA LYS A 373 -28.46 20.01 8.53
C LYS A 373 -28.70 19.70 7.06
N ASP A 378 -30.90 26.58 2.69
CA ASP A 378 -29.94 27.03 1.69
C ASP A 378 -28.86 25.98 1.43
N ILE A 379 -29.12 25.12 0.44
CA ILE A 379 -28.24 23.99 0.20
C ILE A 379 -26.92 24.44 -0.40
N VAL A 380 -26.96 25.44 -1.31
CA VAL A 380 -25.74 25.91 -1.96
C VAL A 380 -24.76 26.48 -0.93
N ARG A 381 -25.24 27.39 -0.08
CA ARG A 381 -24.34 28.06 0.85
C ARG A 381 -23.84 27.07 1.91
N LEU A 382 -24.71 26.15 2.34
CA LEU A 382 -24.28 25.14 3.30
C LEU A 382 -23.21 24.27 2.69
N HIS A 383 -23.29 23.96 1.40
CA HIS A 383 -22.30 23.07 0.83
C HIS A 383 -20.95 23.76 0.69
N ARG A 384 -20.95 25.06 0.34
CA ARG A 384 -19.67 25.77 0.35
C ARG A 384 -19.04 25.73 1.73
N LEU A 385 -19.86 25.96 2.77
CA LEU A 385 -19.35 25.95 4.13
C LEU A 385 -18.86 24.57 4.56
N ILE A 386 -19.60 23.52 4.22
CA ILE A 386 -19.16 22.15 4.50
C ILE A 386 -17.80 21.90 3.87
N LEU A 387 -17.63 22.29 2.60
CA LEU A 387 -16.37 22.05 1.91
C LEU A 387 -15.21 22.71 2.64
N GLN A 388 -15.36 24.00 2.96
CA GLN A 388 -14.27 24.71 3.62
C GLN A 388 -13.95 24.09 4.97
N MET A 389 -15.00 23.76 5.74
CA MET A 389 -14.77 23.18 7.06
C MET A 389 -14.17 21.79 6.96
N ASN A 390 -14.42 21.10 5.85
CA ASN A 390 -13.83 19.79 5.63
C ASN A 390 -12.34 19.92 5.34
N ARG A 391 -11.97 20.92 4.52
CA ARG A 391 -10.56 21.23 4.32
C ARG A 391 -9.88 21.57 5.63
N ALA A 392 -10.55 22.39 6.45
CA ALA A 392 -9.98 22.76 7.73
C ALA A 392 -9.78 21.53 8.61
N LEU A 393 -10.79 20.65 8.62
CA LEU A 393 -10.66 19.43 9.38
C LEU A 393 -9.43 18.65 8.95
N GLY A 394 -9.25 18.48 7.64
CA GLY A 394 -8.09 17.73 7.16
C GLY A 394 -6.78 18.35 7.62
N MET A 395 -6.68 19.67 7.53
CA MET A 395 -5.49 20.36 8.01
C MET A 395 -5.22 20.04 9.48
N PHE A 396 -6.23 20.18 10.34
CA PHE A 396 -6.01 19.94 11.77
C PHE A 396 -5.84 18.46 12.11
N GLU A 397 -6.42 17.55 11.32
CA GLU A 397 -6.13 16.13 11.50
C GLU A 397 -4.64 15.88 11.33
N ALA A 398 -4.09 16.35 10.21
CA ALA A 398 -2.66 16.16 9.98
C ALA A 398 -1.85 16.78 11.10
N GLN A 399 -2.30 17.95 11.58
CA GLN A 399 -1.56 18.63 12.64
C GLN A 399 -1.56 17.84 13.94
N SER A 400 -2.75 17.45 14.43
CA SER A 400 -2.80 16.77 15.72
C SER A 400 -2.08 15.43 15.65
N LYS A 401 -2.27 14.68 14.55
CA LYS A 401 -1.50 13.46 14.39
C LYS A 401 0.00 13.73 14.42
N LEU A 402 0.43 14.77 13.70
CA LEU A 402 1.86 15.11 13.66
C LEU A 402 2.40 15.36 15.06
N TRP A 403 1.76 16.25 15.81
CA TRP A 403 2.32 16.64 17.09
C TRP A 403 2.17 15.52 18.11
N ARG A 404 1.13 14.71 17.98
CA ARG A 404 1.01 13.52 18.81
C ARG A 404 2.22 12.61 18.61
N LEU A 405 2.58 12.33 17.35
CA LEU A 405 3.72 11.47 17.10
C LEU A 405 5.02 12.14 17.55
N ALA A 406 5.16 13.43 17.31
CA ALA A 406 6.40 14.10 17.70
C ALA A 406 6.60 14.08 19.21
N SER A 407 5.50 14.01 19.98
CA SER A 407 5.60 13.98 21.42
C SER A 407 5.95 12.61 21.98
N LEU A 408 5.88 11.54 21.19
CA LEU A 408 6.11 10.20 21.71
C LEU A 408 7.57 9.99 22.05
N ALA A 409 7.82 9.37 23.19
CA ALA A 409 9.18 8.97 23.51
C ALA A 409 9.58 7.72 22.73
N GLN A 410 8.67 6.75 22.65
CA GLN A 410 8.92 5.53 21.89
C GLN A 410 7.62 5.09 21.27
N SER A 411 7.74 4.21 20.28
CA SER A 411 6.59 3.50 19.73
C SER A 411 7.03 2.05 19.52
N SER A 412 6.39 1.13 20.25
CA SER A 412 6.74 -0.30 20.20
C SER A 412 8.21 -0.53 20.60
N GLY A 413 8.71 0.27 21.53
CA GLY A 413 10.03 0.10 22.07
C GLY A 413 11.13 0.68 21.24
N ALA A 414 10.79 1.43 20.21
CA ALA A 414 11.77 2.05 19.34
C ALA A 414 11.44 3.54 19.21
N PRO A 415 12.40 4.36 18.82
CA PRO A 415 12.11 5.79 18.66
C PRO A 415 11.23 6.03 17.45
N VAL A 416 10.56 7.18 17.47
CA VAL A 416 9.90 7.71 16.29
C VAL A 416 10.88 8.64 15.58
N THR A 417 11.11 8.41 14.29
CA THR A 417 11.98 9.31 13.54
C THR A 417 11.35 10.69 13.47
N LYS A 418 12.14 11.72 13.77
CA LYS A 418 11.66 13.09 13.76
C LYS A 418 12.63 13.98 13.00
N TRP A 419 12.11 14.77 12.06
CA TRP A 419 13.04 15.64 11.35
C TRP A 419 12.27 16.72 10.61
N ALA A 420 12.96 17.83 10.36
CA ALA A 420 12.40 18.98 9.66
C ALA A 420 13.06 19.15 8.31
N THR A 421 12.32 19.70 7.36
CA THR A 421 12.87 20.07 6.07
C THR A 421 12.47 21.51 5.74
N ARG A 422 13.34 22.18 5.00
CA ARG A 422 12.97 23.45 4.39
C ARG A 422 13.05 23.24 2.89
N GLU A 423 11.90 23.31 2.23
CA GLU A 423 11.77 22.98 0.82
C GLU A 423 11.18 24.16 0.07
N GLU A 424 11.61 24.35 -1.17
CA GLU A 424 11.03 25.37 -2.02
C GLU A 424 9.74 24.82 -2.64
N ARG A 425 8.72 25.67 -2.76
CA ARG A 425 7.48 25.21 -3.36
C ARG A 425 6.96 26.15 -4.44
N GLU A 426 6.52 27.35 -4.07
CA GLU A 426 5.94 28.25 -5.07
C GLU A 426 6.60 29.61 -4.96
N GLY A 427 7.90 29.63 -5.24
CA GLY A 427 8.70 30.81 -5.06
C GLY A 427 9.14 31.04 -3.64
N GLN A 428 8.72 30.21 -2.70
CA GLN A 428 9.03 30.42 -1.29
C GLN A 428 9.63 29.17 -0.67
N LEU A 429 10.20 29.37 0.51
CA LEU A 429 10.69 28.29 1.35
C LEU A 429 9.62 27.93 2.36
N HIS A 430 9.36 26.63 2.51
CA HIS A 430 8.35 26.13 3.42
C HIS A 430 9.03 25.22 4.43
N LEU A 431 8.56 25.26 5.67
CA LEU A 431 9.09 24.42 6.73
C LEU A 431 8.16 23.23 6.96
N TRP A 432 8.71 22.03 6.89
CA TRP A 432 7.96 20.82 7.10
C TRP A 432 8.48 20.09 8.32
N PHE A 433 7.57 19.48 9.07
CA PHE A 433 7.96 18.55 10.11
C PHE A 433 7.50 17.15 9.71
N HIS A 434 8.28 16.15 10.12
CA HIS A 434 8.08 14.77 9.73
C HIS A 434 8.27 13.84 10.92
N CYS A 435 7.33 12.91 11.10
CA CYS A 435 7.41 11.86 12.10
C CYS A 435 7.12 10.51 11.45
N VAL A 436 7.97 9.53 11.71
CA VAL A 436 7.78 8.17 11.20
C VAL A 436 8.11 7.16 12.28
N GLY A 437 7.11 6.46 12.78
CA GLY A 437 7.36 5.38 13.72
C GLY A 437 8.20 4.27 13.14
N ILE A 438 9.23 3.85 13.87
CA ILE A 438 10.14 2.83 13.37
C ILE A 438 9.61 1.41 13.59
N ARG A 439 8.92 1.16 14.69
CA ARG A 439 8.37 -0.17 14.95
C ARG A 439 6.88 -0.05 15.19
N VAL A 440 6.13 -1.11 14.86
CA VAL A 440 4.67 -1.03 14.78
C VAL A 440 4.03 -2.25 15.43
N SER A 441 4.82 -3.05 16.14
CA SER A 441 4.31 -4.31 16.66
C SER A 441 3.23 -4.08 17.71
N ASP A 442 3.37 -3.05 18.53
CA ASP A 442 2.31 -2.77 19.50
C ASP A 442 1.01 -2.44 18.78
N GLN A 443 1.10 -1.78 17.63
CA GLN A 443 -0.08 -1.41 16.86
C GLN A 443 -0.81 -2.64 16.33
N LEU A 444 -0.05 -3.56 15.74
CA LEU A 444 -0.66 -4.79 15.23
C LEU A 444 -1.20 -5.65 16.37
N GLU A 445 -0.47 -5.67 17.48
CA GLU A 445 -0.90 -6.44 18.64
C GLU A 445 -2.24 -5.94 19.16
N ARG A 446 -2.39 -4.62 19.28
CA ARG A 446 -3.63 -4.09 19.85
C ARG A 446 -4.78 -4.21 18.88
N LEU A 447 -4.54 -3.92 17.60
CA LEU A 447 -5.63 -3.88 16.64
C LEU A 447 -5.98 -5.24 16.05
N LEU A 448 -5.04 -6.19 16.03
CA LEU A 448 -5.30 -7.47 15.36
C LEU A 448 -5.05 -8.67 16.27
N TRP A 449 -3.78 -8.84 16.65
CA TRP A 449 -3.34 -10.08 17.30
C TRP A 449 -4.15 -10.39 18.55
N ARG A 450 -4.36 -9.39 19.42
CA ARG A 450 -5.18 -9.55 20.63
C ARG A 450 -6.67 -9.59 20.34
N SER A 451 -7.11 -8.92 19.26
CA SER A 451 -8.52 -8.66 19.01
C SER A 451 -9.23 -9.81 18.28
N ILE A 452 -8.59 -10.42 17.30
CA ILE A 452 -9.19 -11.53 16.57
C ILE A 452 -8.59 -12.82 17.10
N PRO A 453 -9.41 -13.81 17.48
CA PRO A 453 -8.87 -14.98 18.19
C PRO A 453 -7.82 -15.73 17.40
N HIS A 454 -8.01 -15.91 16.09
CA HIS A 454 -7.05 -16.63 15.25
C HIS A 454 -7.00 -16.05 13.86
N ILE A 455 -5.80 -15.75 13.42
CA ILE A 455 -5.54 -15.10 12.16
C ILE A 455 -4.56 -15.94 11.35
N ILE A 456 -4.81 -16.05 10.05
CA ILE A 456 -3.85 -16.61 9.13
C ILE A 456 -3.11 -15.45 8.47
N VAL A 457 -1.79 -15.45 8.59
CA VAL A 457 -0.89 -14.64 7.77
C VAL A 457 -0.20 -15.55 6.77
N THR A 458 -0.48 -15.35 5.49
CA THR A 458 0.17 -16.14 4.44
C THR A 458 0.67 -15.22 3.32
N SER A 459 1.69 -15.70 2.63
CA SER A 459 2.28 -15.02 1.47
C SER A 459 3.20 -16.03 0.80
N ALA A 460 3.45 -15.82 -0.49
CA ALA A 460 4.52 -16.59 -1.12
C ALA A 460 5.85 -16.28 -0.48
N THR A 461 5.99 -15.11 0.14
CA THR A 461 7.28 -14.67 0.66
C THR A 461 7.05 -14.04 2.03
N LEU A 462 7.36 -14.80 3.07
CA LEU A 462 7.38 -14.27 4.43
C LEU A 462 8.76 -14.29 5.04
N ARG A 463 9.65 -15.13 4.55
CA ARG A 463 10.91 -15.29 5.24
C ARG A 463 11.99 -14.41 4.62
N SER A 464 12.99 -14.14 5.45
CA SER A 464 14.18 -13.41 5.07
C SER A 464 15.37 -14.18 5.61
N LEU A 465 16.33 -14.50 4.73
CA LEU A 465 17.53 -15.25 5.14
C LEU A 465 17.19 -16.64 5.67
N ASN A 466 16.21 -17.30 5.04
CA ASN A 466 15.75 -18.61 5.49
C ASN A 466 15.21 -18.57 6.92
N SER A 467 14.68 -17.43 7.35
CA SER A 467 14.25 -17.32 8.73
C SER A 467 12.99 -16.47 8.83
N PHE A 468 12.17 -16.80 9.83
CA PHE A 468 11.01 -15.99 10.20
C PHE A 468 11.38 -14.87 11.15
N SER A 469 12.66 -14.70 11.44
CA SER A 469 13.10 -13.76 12.47
C SER A 469 12.65 -12.34 12.16
N ARG A 470 12.84 -11.91 10.92
CA ARG A 470 12.48 -10.55 10.55
C ARG A 470 10.98 -10.34 10.68
N LEU A 471 10.19 -11.30 10.21
CA LEU A 471 8.75 -11.21 10.35
C LEU A 471 8.34 -11.17 11.82
N GLN A 472 8.94 -12.03 12.65
CA GLN A 472 8.60 -12.01 14.07
C GLN A 472 8.86 -10.64 14.66
N GLU A 473 10.04 -10.10 14.41
CA GLU A 473 10.41 -8.82 14.99
C GLU A 473 9.54 -7.67 14.46
N MET A 474 9.24 -7.64 13.16
CA MET A 474 8.47 -6.50 12.69
C MET A 474 6.99 -6.63 13.06
N SER A 475 6.43 -7.84 13.01
CA SER A 475 5.00 -8.02 13.25
C SER A 475 4.62 -8.18 14.72
N GLY A 476 5.55 -8.60 15.57
CA GLY A 476 5.22 -8.90 16.95
C GLY A 476 4.63 -10.29 17.19
N LEU A 477 4.37 -11.07 16.14
CA LEU A 477 3.99 -12.45 16.32
C LEU A 477 5.11 -13.23 17.01
N LYS A 478 4.72 -14.13 17.91
CA LYS A 478 5.65 -14.83 18.78
C LYS A 478 5.18 -16.26 19.01
N GLU A 479 6.12 -17.19 19.08
CA GLU A 479 5.78 -18.54 19.53
C GLU A 479 5.26 -18.52 20.96
N LYS A 480 5.81 -17.65 21.81
CA LYS A 480 5.40 -17.57 23.20
C LYS A 480 3.93 -17.20 23.35
N ALA A 481 3.38 -16.44 22.41
CA ALA A 481 1.96 -16.13 22.42
C ALA A 481 1.12 -17.26 21.82
N GLY A 482 1.77 -18.30 21.30
CA GLY A 482 1.10 -19.39 20.65
C GLY A 482 1.00 -19.28 19.14
N ASP A 483 1.70 -18.34 18.52
CA ASP A 483 1.72 -18.26 17.07
C ASP A 483 2.69 -19.30 16.52
N ARG A 484 2.29 -19.89 15.40
CA ARG A 484 3.10 -20.89 14.70
C ARG A 484 3.61 -20.33 13.38
N PHE A 485 4.71 -20.89 12.90
CA PHE A 485 5.40 -20.40 11.71
C PHE A 485 5.79 -21.58 10.84
N VAL A 486 5.12 -21.72 9.69
CA VAL A 486 5.29 -22.85 8.80
C VAL A 486 5.78 -22.36 7.44
N ALA A 487 6.78 -23.03 6.89
CA ALA A 487 7.32 -22.73 5.56
C ALA A 487 7.13 -23.97 4.69
N LEU A 488 6.19 -23.89 3.76
CA LEU A 488 5.97 -24.98 2.82
C LEU A 488 6.99 -24.96 1.69
N ASP A 489 7.33 -26.14 1.20
CA ASP A 489 8.29 -26.26 0.11
C ASP A 489 7.68 -25.79 -1.20
N SER A 490 8.54 -25.27 -2.08
CA SER A 490 8.11 -24.96 -3.43
C SER A 490 7.93 -26.25 -4.22
N PRO A 491 6.86 -26.35 -5.02
CA PRO A 491 6.71 -27.55 -5.86
C PRO A 491 7.70 -27.58 -7.02
N PHE A 492 8.05 -26.44 -7.58
CA PHE A 492 8.84 -26.40 -8.80
C PHE A 492 10.25 -26.94 -8.54
N ASN A 493 10.92 -27.29 -9.63
CA ASN A 493 12.28 -27.83 -9.58
C ASN A 493 13.19 -26.80 -10.23
N HIS A 494 13.67 -25.85 -9.43
CA HIS A 494 14.34 -24.67 -9.98
C HIS A 494 15.62 -25.03 -10.71
N CYS A 495 16.45 -25.91 -10.12
CA CYS A 495 17.77 -26.22 -10.69
C CYS A 495 17.67 -26.78 -12.09
N GLU A 496 16.62 -27.54 -12.38
CA GLU A 496 16.39 -28.02 -13.74
C GLU A 496 15.66 -27.03 -14.60
N GLN A 497 14.95 -26.08 -13.99
CA GLN A 497 14.04 -25.20 -14.72
C GLN A 497 14.65 -23.87 -15.13
N GLY A 498 15.68 -23.40 -14.42
CA GLY A 498 16.37 -22.19 -14.81
C GLY A 498 17.77 -22.15 -14.26
N LYS A 499 18.47 -21.05 -14.57
CA LYS A 499 19.78 -20.76 -14.00
C LYS A 499 19.82 -19.30 -13.53
N ILE A 500 20.73 -19.03 -12.60
CA ILE A 500 21.08 -17.68 -12.17
C ILE A 500 22.39 -17.31 -12.86
N VAL A 501 22.45 -16.11 -13.42
CA VAL A 501 23.58 -15.62 -14.22
C VAL A 501 24.14 -14.36 -13.57
N ILE A 502 25.42 -14.40 -13.21
CA ILE A 502 26.12 -13.28 -12.59
C ILE A 502 27.27 -12.89 -13.48
N PRO A 503 27.08 -11.92 -14.38
CA PRO A 503 28.13 -11.57 -15.33
C PRO A 503 29.37 -11.05 -14.63
N ARG A 504 30.51 -11.17 -15.32
CA ARG A 504 31.81 -10.81 -14.75
C ARG A 504 32.04 -9.31 -14.90
N MET A 505 31.22 -8.53 -14.20
CA MET A 505 31.29 -7.08 -14.29
C MET A 505 32.60 -6.57 -13.71
N ARG A 506 33.12 -5.50 -14.31
CA ARG A 506 34.38 -4.91 -13.87
C ARG A 506 34.22 -4.04 -12.63
N VAL A 507 33.05 -3.50 -12.37
CA VAL A 507 32.83 -2.71 -11.16
C VAL A 507 31.68 -3.29 -10.34
N GLU A 508 31.80 -3.13 -9.04
CA GLU A 508 30.67 -3.25 -8.14
C GLU A 508 29.80 -1.99 -8.24
N PRO A 509 28.48 -2.11 -8.01
CA PRO A 509 27.60 -0.96 -8.16
C PRO A 509 27.63 -0.04 -6.94
N SER A 510 28.83 0.41 -6.58
CA SER A 510 28.96 1.41 -5.54
C SER A 510 28.43 2.76 -6.06
N ILE A 511 28.46 3.76 -5.17
CA ILE A 511 27.92 5.08 -5.53
C ILE A 511 28.74 5.71 -6.64
N ASP A 512 30.06 5.75 -6.47
CA ASP A 512 30.91 6.37 -7.47
C ASP A 512 30.83 5.63 -8.80
N ASN A 513 30.60 4.32 -8.77
CA ASN A 513 30.70 3.50 -9.95
C ASN A 513 29.45 3.49 -10.83
N GLU A 514 28.36 4.12 -10.39
CA GLU A 514 27.07 3.92 -11.02
C GLU A 514 27.14 4.07 -12.54
N GLU A 515 27.80 5.13 -13.01
CA GLU A 515 27.85 5.40 -14.44
C GLU A 515 28.50 4.25 -15.20
N GLN A 516 29.69 3.81 -14.76
CA GLN A 516 30.29 2.67 -15.44
C GLN A 516 29.40 1.46 -15.31
N HIS A 517 28.81 1.27 -14.12
CA HIS A 517 28.07 0.05 -13.86
C HIS A 517 26.88 -0.07 -14.79
N ILE A 518 26.05 0.98 -14.82
CA ILE A 518 24.93 1.00 -15.76
C ILE A 518 25.43 0.69 -17.17
N ALA A 519 26.54 1.34 -17.56
CA ALA A 519 27.06 1.14 -18.90
C ALA A 519 27.32 -0.34 -19.15
N GLU A 520 28.06 -0.99 -18.26
CA GLU A 520 28.35 -2.41 -18.47
C GLU A 520 27.06 -3.21 -18.54
N MET A 521 26.14 -2.95 -17.61
CA MET A 521 24.87 -3.65 -17.63
C MET A 521 24.22 -3.51 -19.00
N ALA A 522 24.09 -2.27 -19.46
CA ALA A 522 23.35 -2.03 -20.69
C ALA A 522 23.98 -2.82 -21.83
N ALA A 523 25.31 -2.82 -21.90
CA ALA A 523 25.98 -3.53 -22.97
C ALA A 523 25.58 -4.99 -22.93
N PHE A 524 25.79 -5.63 -21.78
CA PHE A 524 25.40 -7.03 -21.63
C PHE A 524 23.92 -7.20 -21.96
N PHE A 525 23.06 -6.34 -21.40
CA PHE A 525 21.64 -6.52 -21.61
C PHE A 525 21.33 -6.46 -23.09
N ARG A 526 21.96 -5.50 -23.79
CA ARG A 526 21.73 -5.36 -25.22
C ARG A 526 22.13 -6.63 -25.94
N GLU A 527 23.27 -7.20 -25.60
CA GLU A 527 23.71 -8.42 -26.24
C GLU A 527 22.67 -9.53 -26.01
N GLN A 528 22.08 -9.58 -24.83
CA GLN A 528 21.06 -10.61 -24.59
C GLN A 528 19.90 -10.42 -25.56
N VAL A 529 19.40 -9.18 -25.66
CA VAL A 529 18.33 -8.90 -26.61
C VAL A 529 18.74 -9.31 -28.01
N GLU A 530 20.00 -9.09 -28.37
CA GLU A 530 20.43 -9.41 -29.72
C GLU A 530 20.42 -10.91 -29.97
N SER A 531 20.63 -11.72 -28.93
CA SER A 531 20.65 -13.16 -29.12
C SER A 531 19.31 -13.72 -29.59
N LYS A 532 18.23 -12.96 -29.41
CA LYS A 532 16.87 -13.38 -29.75
C LYS A 532 16.51 -14.72 -29.10
N LYS A 533 17.23 -15.09 -28.03
CA LYS A 533 16.90 -16.29 -27.29
C LYS A 533 15.67 -16.13 -26.41
N HIS A 534 15.34 -14.92 -26.02
CA HIS A 534 14.23 -14.68 -25.12
C HIS A 534 13.25 -13.72 -25.75
N LEU A 535 11.96 -14.01 -25.64
CA LEU A 535 10.93 -13.06 -26.07
C LEU A 535 10.37 -12.23 -24.93
N GLY A 536 10.19 -12.85 -23.76
CA GLY A 536 9.72 -12.17 -22.57
C GLY A 536 10.87 -11.83 -21.63
N MET A 537 11.08 -10.52 -21.45
CA MET A 537 12.17 -10.03 -20.63
C MET A 537 11.63 -9.05 -19.60
N LEU A 538 12.31 -8.96 -18.46
CA LEU A 538 11.94 -7.98 -17.44
C LEU A 538 13.21 -7.40 -16.86
N VAL A 539 13.26 -6.08 -16.70
CA VAL A 539 14.40 -5.41 -16.09
C VAL A 539 13.90 -4.72 -14.82
N LEU A 540 14.63 -4.89 -13.73
CA LEU A 540 14.20 -4.54 -12.39
C LEU A 540 15.25 -3.65 -11.75
N PHE A 541 14.83 -2.49 -11.26
CA PHE A 541 15.75 -1.53 -10.68
C PHE A 541 15.36 -1.23 -9.25
N ALA A 542 16.34 -0.79 -8.47
CA ALA A 542 16.10 -0.43 -7.08
C ALA A 542 15.90 1.06 -6.88
N SER A 543 16.17 1.89 -7.88
CA SER A 543 15.85 3.30 -7.81
C SER A 543 15.40 3.80 -9.18
N GLY A 544 14.48 4.75 -9.16
CA GLY A 544 14.04 5.37 -10.41
C GLY A 544 15.15 6.12 -11.10
N ARG A 545 16.09 6.65 -10.33
CA ARG A 545 17.28 7.26 -10.91
C ARG A 545 18.02 6.28 -11.82
N ALA A 546 18.34 5.11 -11.28
CA ALA A 546 19.06 4.10 -12.07
C ALA A 546 18.25 3.67 -13.28
N MET A 547 16.93 3.47 -13.10
CA MET A 547 16.10 3.04 -14.22
C MET A 547 16.15 4.06 -15.35
N GLN A 548 16.00 5.34 -15.03
CA GLN A 548 16.08 6.38 -16.06
C GLN A 548 17.44 6.37 -16.75
N ARG A 549 18.51 6.30 -15.96
CA ARG A 549 19.83 6.31 -16.56
C ARG A 549 20.00 5.15 -17.53
N PHE A 550 19.61 3.95 -17.12
CA PHE A 550 19.63 2.79 -18.01
C PHE A 550 18.80 3.05 -19.26
N LEU A 551 17.65 3.71 -19.10
CA LEU A 551 16.81 3.98 -20.26
C LEU A 551 17.52 4.88 -21.26
N ASP A 552 18.40 5.77 -20.81
CA ASP A 552 19.15 6.58 -21.76
C ASP A 552 20.05 5.74 -22.65
N TYR A 553 20.54 4.60 -22.16
CA TYR A 553 21.42 3.78 -22.99
C TYR A 553 20.66 2.92 -23.99
N VAL A 554 19.39 2.63 -23.76
CA VAL A 554 18.68 1.69 -24.62
C VAL A 554 17.57 2.42 -25.37
N THR A 555 17.80 3.69 -25.67
CA THR A 555 16.80 4.50 -26.34
C THR A 555 16.47 4.01 -27.74
N ASP A 556 17.38 3.29 -28.40
CA ASP A 556 17.04 2.73 -29.71
C ASP A 556 15.99 1.63 -29.62
N LEU A 557 15.67 1.14 -28.42
CA LEU A 557 14.76 0.03 -28.22
C LEU A 557 13.39 0.47 -27.70
N ARG A 558 13.04 1.74 -27.88
CA ARG A 558 11.80 2.28 -27.32
C ARG A 558 10.58 1.44 -27.68
N LEU A 559 10.46 1.07 -28.96
CA LEU A 559 9.32 0.27 -29.42
C LEU A 559 9.14 -0.96 -28.55
N MET A 560 10.23 -1.57 -28.16
CA MET A 560 10.28 -2.83 -27.45
C MET A 560 10.04 -2.70 -25.95
N LEU A 561 10.11 -1.49 -25.40
CA LEU A 561 10.18 -1.28 -23.95
C LEU A 561 8.81 -0.87 -23.40
N LEU A 562 8.33 -1.62 -22.42
CA LEU A 562 7.15 -1.24 -21.64
C LEU A 562 7.63 -0.86 -20.24
N VAL A 563 7.54 0.43 -19.92
CA VAL A 563 8.20 1.01 -18.76
C VAL A 563 7.15 1.36 -17.71
N GLN A 564 7.39 0.91 -16.48
CA GLN A 564 6.48 1.19 -15.37
C GLN A 564 6.12 2.66 -15.32
N GLY A 565 4.83 2.93 -15.17
CA GLY A 565 4.31 4.27 -15.04
C GLY A 565 3.79 4.87 -16.34
N ASP A 566 4.35 4.47 -17.48
CA ASP A 566 3.89 5.03 -18.74
C ASP A 566 2.43 4.68 -19.00
N GLN A 567 2.01 3.50 -18.60
CA GLN A 567 0.61 3.13 -18.59
C GLN A 567 0.34 2.35 -17.32
N PRO A 568 -0.91 2.26 -16.89
CA PRO A 568 -1.24 1.39 -15.76
C PRO A 568 -0.69 0.00 -15.98
N ARG A 569 -0.25 -0.61 -14.87
CA ARG A 569 0.54 -1.84 -14.96
C ARG A 569 -0.23 -2.93 -15.70
N TYR A 570 -1.54 -3.02 -15.48
CA TYR A 570 -2.28 -4.11 -16.13
C TYR A 570 -2.35 -3.92 -17.63
N ARG A 571 -2.36 -2.67 -18.10
CA ARG A 571 -2.29 -2.44 -19.54
C ARG A 571 -0.91 -2.75 -20.09
N LEU A 572 0.14 -2.38 -19.36
CA LEU A 572 1.47 -2.71 -19.82
C LEU A 572 1.66 -4.22 -19.95
N VAL A 573 1.11 -4.98 -19.00
CA VAL A 573 1.16 -6.43 -19.08
C VAL A 573 0.26 -6.95 -20.20
N GLU A 574 -0.88 -6.29 -20.42
CA GLU A 574 -1.72 -6.56 -21.59
C GLU A 574 -0.90 -6.56 -22.88
N LEU A 575 -0.28 -5.42 -23.16
CA LEU A 575 0.54 -5.30 -24.36
C LEU A 575 1.62 -6.36 -24.38
N HIS A 576 2.30 -6.54 -23.24
CA HIS A 576 3.39 -7.51 -23.20
C HIS A 576 2.92 -8.88 -23.65
N ARG A 577 1.78 -9.33 -23.12
CA ARG A 577 1.23 -10.62 -23.51
C ARG A 577 0.90 -10.63 -25.01
N LYS A 578 0.29 -9.55 -25.50
CA LYS A 578 -0.10 -9.54 -26.91
C LYS A 578 1.10 -9.72 -27.82
N ARG A 579 2.15 -8.94 -27.59
CA ARG A 579 3.32 -9.01 -28.45
C ARG A 579 4.04 -10.34 -28.32
N VAL A 580 4.18 -10.86 -27.09
CA VAL A 580 4.93 -12.10 -26.95
C VAL A 580 4.18 -13.25 -27.63
N ALA A 581 2.86 -13.29 -27.47
CA ALA A 581 2.04 -14.29 -28.13
C ALA A 581 2.16 -14.22 -29.64
N ASN A 582 2.60 -13.07 -30.14
CA ASN A 582 2.72 -12.79 -31.56
C ASN A 582 4.10 -13.13 -32.10
N GLY A 583 5.04 -13.50 -31.24
CA GLY A 583 6.38 -13.83 -31.69
C GLY A 583 7.41 -12.72 -31.59
N GLU A 584 7.05 -11.59 -30.99
CA GLU A 584 7.95 -10.47 -30.83
C GLU A 584 8.60 -10.41 -29.47
N ARG A 585 9.79 -9.83 -29.47
CA ARG A 585 10.49 -9.58 -28.24
C ARG A 585 9.84 -8.42 -27.50
N SER A 586 9.62 -8.61 -26.20
CA SER A 586 9.03 -7.57 -25.37
C SER A 586 9.72 -7.49 -24.02
N VAL A 587 10.04 -6.26 -23.58
CA VAL A 587 10.83 -6.03 -22.38
C VAL A 587 10.06 -5.11 -21.44
N LEU A 588 9.67 -5.64 -20.29
CA LEU A 588 9.15 -4.81 -19.19
C LEU A 588 10.31 -4.28 -18.35
N VAL A 589 10.21 -3.01 -17.96
CA VAL A 589 11.19 -2.34 -17.13
C VAL A 589 10.44 -1.67 -15.98
N GLY A 590 10.83 -2.02 -14.76
CA GLY A 590 10.14 -1.50 -13.60
C GLY A 590 10.93 -1.47 -12.32
N LEU A 591 10.26 -0.95 -11.30
CA LEU A 591 10.77 -0.84 -9.96
C LEU A 591 10.14 -1.92 -9.08
N GLN A 592 9.84 -1.55 -7.85
CA GLN A 592 9.26 -2.46 -6.86
C GLN A 592 7.90 -3.02 -7.25
N SER A 593 7.06 -2.20 -7.86
CA SER A 593 5.74 -2.65 -8.29
C SER A 593 5.85 -3.85 -9.24
N PHE A 594 6.78 -3.79 -10.19
CA PHE A 594 6.97 -4.92 -11.07
C PHE A 594 7.62 -6.09 -10.35
N ALA A 595 8.57 -5.81 -9.45
CA ALA A 595 9.27 -6.90 -8.78
C ALA A 595 8.32 -7.71 -7.91
N GLU A 596 7.26 -7.07 -7.45
CA GLU A 596 6.27 -7.68 -6.56
C GLU A 596 5.08 -8.27 -7.30
N GLY A 597 4.57 -7.58 -8.33
CA GLY A 597 3.29 -7.91 -8.91
C GLY A 597 3.27 -8.79 -10.15
N LEU A 598 4.40 -9.01 -10.82
CA LEU A 598 4.36 -9.67 -12.14
C LEU A 598 4.27 -11.18 -11.99
N ASP A 599 3.39 -11.79 -12.77
CA ASP A 599 3.18 -13.25 -12.72
C ASP A 599 3.03 -13.75 -14.15
N LEU A 600 4.17 -14.01 -14.81
CA LEU A 600 4.19 -14.33 -16.23
C LEU A 600 4.82 -15.69 -16.44
N LYS A 601 4.04 -16.62 -16.98
CA LYS A 601 4.47 -18.01 -17.11
C LYS A 601 5.18 -18.27 -18.43
N GLY A 602 6.23 -19.08 -18.37
CA GLY A 602 6.89 -19.58 -19.57
C GLY A 602 7.41 -18.47 -20.48
N ASP A 603 6.85 -18.44 -21.70
CA ASP A 603 7.32 -17.54 -22.75
C ASP A 603 7.22 -16.08 -22.35
N LEU A 604 6.20 -15.73 -21.57
CA LEU A 604 5.98 -14.34 -21.19
C LEU A 604 7.16 -13.74 -20.42
N LEU A 605 7.96 -14.56 -19.73
CA LEU A 605 9.09 -14.02 -18.98
C LEU A 605 10.15 -15.12 -18.83
N SER A 606 11.09 -15.17 -19.77
CA SER A 606 12.18 -16.12 -19.66
C SER A 606 13.49 -15.49 -19.25
N GLN A 607 13.60 -14.16 -19.23
CA GLN A 607 14.83 -13.58 -18.70
C GLN A 607 14.54 -12.39 -17.81
N VAL A 608 15.02 -12.44 -16.57
CA VAL A 608 14.88 -11.38 -15.59
C VAL A 608 16.23 -10.73 -15.38
N HIS A 609 16.30 -9.41 -15.50
CA HIS A 609 17.53 -8.65 -15.30
C HIS A 609 17.39 -7.84 -14.03
N ILE A 610 18.30 -8.07 -13.08
CA ILE A 610 18.28 -7.39 -11.78
C ILE A 610 19.52 -6.51 -11.73
N HIS A 611 19.29 -5.20 -11.79
CA HIS A 611 20.37 -4.22 -11.81
C HIS A 611 21.28 -4.33 -10.59
N LYS A 612 20.73 -4.55 -9.39
CA LYS A 612 21.56 -4.55 -8.18
C LYS A 612 20.79 -5.11 -7.00
N ILE A 613 21.54 -5.50 -5.98
CA ILE A 613 20.93 -5.89 -4.70
C ILE A 613 20.26 -4.69 -4.08
N ALA A 614 18.96 -4.81 -3.83
CA ALA A 614 18.17 -3.66 -3.39
C ALA A 614 18.37 -3.46 -1.88
N PHE A 615 19.53 -2.93 -1.53
CA PHE A 615 19.81 -2.53 -0.16
C PHE A 615 19.06 -1.26 0.22
N PRO A 616 18.62 -1.13 1.46
CA PRO A 616 17.86 0.05 1.87
C PRO A 616 18.76 1.28 1.87
N PRO A 617 18.19 2.47 1.61
CA PRO A 617 19.00 3.70 1.52
C PRO A 617 19.56 4.11 2.89
N ILE A 618 20.89 4.16 2.96
CA ILE A 618 21.57 4.36 4.23
C ILE A 618 21.36 5.78 4.76
N ASP A 619 21.31 6.76 3.87
CA ASP A 619 21.20 8.16 4.27
C ASP A 619 19.77 8.59 4.59
N SER A 620 18.80 7.71 4.40
CA SER A 620 17.43 8.03 4.74
C SER A 620 17.29 8.27 6.24
N PRO A 621 16.54 9.28 6.66
CA PRO A 621 16.47 9.59 8.09
C PRO A 621 15.91 8.47 8.93
N VAL A 622 14.90 7.75 8.41
CA VAL A 622 14.33 6.64 9.16
C VAL A 622 15.36 5.54 9.37
N VAL A 623 16.08 5.21 8.31
CA VAL A 623 17.10 4.17 8.41
C VAL A 623 18.18 4.57 9.39
N ILE A 624 18.58 5.85 9.38
CA ILE A 624 19.65 6.31 10.28
C ILE A 624 19.19 6.19 11.72
N THR A 625 18.00 6.72 12.01
CA THR A 625 17.49 6.66 13.37
C THR A 625 17.38 5.22 13.84
N GLU A 626 16.90 4.33 12.97
CA GLU A 626 16.81 2.92 13.32
C GLU A 626 18.19 2.34 13.63
N GLY A 627 19.18 2.63 12.79
CA GLY A 627 20.52 2.12 13.03
C GLY A 627 21.12 2.61 14.34
N GLU A 628 20.92 3.90 14.66
CA GLU A 628 21.30 4.42 15.96
C GLU A 628 20.70 3.55 17.06
N TRP A 629 19.41 3.29 16.95
CA TRP A 629 18.71 2.56 17.99
C TRP A 629 19.22 1.12 18.10
N LEU A 630 19.39 0.46 16.96
CA LEU A 630 19.95 -0.89 16.95
C LEU A 630 21.33 -0.90 17.59
N LYS A 631 22.16 0.10 17.29
CA LYS A 631 23.45 0.24 17.95
C LYS A 631 23.29 0.32 19.46
N SER A 632 22.42 1.21 19.94
CA SER A 632 22.21 1.38 21.37
C SER A 632 21.78 0.09 22.05
N LEU A 633 21.16 -0.83 21.33
CA LEU A 633 20.85 -2.17 21.81
C LEU A 633 22.00 -3.15 21.55
N ASN A 634 23.13 -2.69 21.05
CA ASN A 634 24.29 -3.54 20.76
C ASN A 634 23.99 -4.56 19.68
N ARG A 635 23.25 -4.14 18.66
CA ARG A 635 23.10 -4.95 17.47
C ARG A 635 23.75 -4.22 16.30
N TYR A 636 24.11 -4.97 15.28
CA TYR A 636 24.82 -4.42 14.14
C TYR A 636 23.82 -4.11 13.05
N PRO A 637 23.63 -2.82 12.71
CA PRO A 637 22.56 -2.45 11.76
C PRO A 637 22.60 -3.19 10.43
N PHE A 638 23.77 -3.31 9.81
CA PHE A 638 23.82 -3.99 8.53
C PHE A 638 23.26 -5.40 8.64
N GLU A 639 23.63 -6.10 9.71
CA GLU A 639 23.19 -7.46 9.93
C GLU A 639 21.69 -7.54 10.15
N VAL A 640 21.10 -6.51 10.75
CA VAL A 640 19.74 -6.61 11.25
C VAL A 640 18.76 -5.86 10.36
N GLN A 641 19.27 -4.86 9.64
CA GLN A 641 18.44 -3.90 8.94
C GLN A 641 18.64 -3.93 7.43
N SER A 642 19.88 -3.85 6.95
CA SER A 642 20.13 -3.84 5.51
C SER A 642 20.03 -5.23 4.91
N LEU A 643 20.84 -6.17 5.41
CA LEU A 643 20.94 -7.48 4.75
C LEU A 643 19.62 -8.23 4.74
N PRO A 644 18.84 -8.29 5.82
CA PRO A 644 17.55 -8.99 5.70
C PRO A 644 16.61 -8.37 4.67
N SER A 645 16.55 -7.03 4.59
CA SER A 645 15.74 -6.39 3.55
C SER A 645 16.24 -6.78 2.16
N ALA A 646 17.56 -6.77 1.98
CA ALA A 646 18.13 -7.19 0.71
C ALA A 646 17.74 -8.62 0.38
N SER A 647 17.80 -9.51 1.36
CA SER A 647 17.43 -10.89 1.13
C SER A 647 15.98 -10.99 0.71
N PHE A 648 15.07 -10.33 1.43
CA PHE A 648 13.65 -10.42 1.09
C PHE A 648 13.40 -9.91 -0.32
N ASN A 649 13.96 -8.74 -0.64
CA ASN A 649 13.77 -8.16 -1.96
C ASN A 649 14.35 -9.06 -3.04
N LEU A 650 15.53 -9.64 -2.81
CA LEU A 650 16.15 -10.50 -3.80
C LEU A 650 15.34 -11.76 -4.03
N ILE A 651 14.82 -12.35 -2.95
CA ILE A 651 13.94 -13.51 -3.10
C ILE A 651 12.76 -13.15 -3.98
N GLN A 652 12.15 -12.00 -3.73
CA GLN A 652 11.00 -11.56 -4.49
C GLN A 652 11.34 -11.30 -5.96
N GLN A 653 12.45 -10.60 -6.23
CA GLN A 653 12.86 -10.31 -7.58
C GLN A 653 13.16 -11.58 -8.37
N VAL A 654 13.99 -12.45 -7.79
CA VAL A 654 14.30 -13.72 -8.43
C VAL A 654 13.03 -14.53 -8.62
N GLY A 655 12.05 -14.34 -7.76
CA GLY A 655 10.81 -15.06 -7.84
C GLY A 655 9.95 -14.76 -9.04
N ARG A 656 10.35 -13.80 -9.89
CA ARG A 656 9.58 -13.56 -11.12
C ARG A 656 9.79 -14.64 -12.17
N LEU A 657 10.92 -15.36 -12.15
CA LEU A 657 11.22 -16.23 -13.28
C LEU A 657 10.30 -17.45 -13.31
N ILE A 658 10.32 -18.25 -12.24
CA ILE A 658 9.65 -19.56 -12.20
C ILE A 658 8.30 -19.38 -11.53
N ARG A 659 7.25 -19.31 -12.34
CA ARG A 659 5.89 -19.16 -11.86
C ARG A 659 5.06 -20.42 -12.06
N SER A 660 5.66 -21.49 -12.58
CA SER A 660 4.91 -22.67 -12.99
C SER A 660 5.88 -23.74 -13.45
N HIS A 661 5.39 -24.98 -13.48
CA HIS A 661 6.08 -26.04 -14.19
C HIS A 661 6.03 -25.72 -15.67
N GLY A 662 7.16 -25.78 -16.34
CA GLY A 662 7.20 -25.30 -17.69
C GLY A 662 7.68 -23.87 -17.83
N CYS A 663 7.83 -23.14 -16.72
CA CYS A 663 8.63 -21.93 -16.74
C CYS A 663 10.09 -22.32 -16.89
N TRP A 664 10.83 -21.49 -17.62
CA TRP A 664 12.24 -21.74 -17.92
C TRP A 664 12.95 -20.39 -18.03
N GLY A 665 14.28 -20.41 -18.00
CA GLY A 665 14.99 -19.18 -18.27
C GLY A 665 16.15 -18.82 -17.37
N GLU A 666 16.49 -17.53 -17.29
CA GLU A 666 17.59 -17.09 -16.48
C GLU A 666 17.21 -15.87 -15.65
N VAL A 667 17.90 -15.71 -14.52
CA VAL A 667 17.92 -14.48 -13.76
C VAL A 667 19.33 -13.93 -13.81
N VAL A 668 19.50 -12.83 -14.51
CA VAL A 668 20.78 -12.13 -14.66
C VAL A 668 20.86 -11.12 -13.52
N ILE A 669 21.82 -11.26 -12.63
CA ILE A 669 21.99 -10.33 -11.53
C ILE A 669 23.30 -9.60 -11.75
N TYR A 670 23.25 -8.27 -11.86
CA TYR A 670 24.42 -7.48 -12.22
C TYR A 670 25.19 -6.97 -11.01
N ASP A 671 24.88 -7.45 -9.81
CA ASP A 671 25.56 -7.05 -8.58
C ASP A 671 26.58 -8.14 -8.24
N LYS A 672 27.82 -7.88 -8.59
CA LYS A 672 28.94 -8.80 -8.43
C LYS A 672 29.20 -9.15 -6.97
N ARG A 673 28.68 -8.35 -6.03
CA ARG A 673 28.90 -8.56 -4.60
C ARG A 673 28.20 -9.80 -4.06
N LEU A 674 27.36 -10.44 -4.86
CA LEU A 674 26.82 -11.75 -4.52
C LEU A 674 27.92 -12.80 -4.43
N LEU A 675 29.01 -12.59 -5.15
CA LEU A 675 30.16 -13.51 -5.08
C LEU A 675 31.33 -12.90 -4.35
N THR A 676 31.41 -11.57 -4.36
CA THR A 676 32.56 -10.81 -3.93
C THR A 676 32.59 -10.56 -2.42
N LYS A 677 31.44 -10.52 -1.77
CA LYS A 677 31.33 -10.28 -0.33
C LYS A 677 30.92 -11.55 0.39
N ASN A 678 31.30 -11.65 1.66
CA ASN A 678 30.91 -12.82 2.46
C ASN A 678 29.40 -12.96 2.49
N TYR A 679 28.70 -11.87 2.81
CA TYR A 679 27.24 -11.92 2.91
C TYR A 679 26.62 -12.41 1.62
N GLY A 680 27.34 -12.32 0.50
CA GLY A 680 26.89 -12.84 -0.76
C GLY A 680 26.34 -14.25 -0.61
N LYS A 681 27.11 -15.13 0.03
CA LYS A 681 26.71 -16.52 0.16
C LYS A 681 25.33 -16.60 0.81
N ARG A 682 25.13 -15.83 1.88
CA ARG A 682 23.87 -15.90 2.60
C ARG A 682 22.71 -15.46 1.71
N LEU A 683 22.90 -14.39 0.93
CA LEU A 683 21.84 -14.00 0.01
C LEU A 683 21.55 -15.12 -0.97
N LEU A 684 22.60 -15.80 -1.45
CA LEU A 684 22.35 -16.88 -2.37
C LEU A 684 21.69 -18.07 -1.67
N ASP A 685 22.04 -18.33 -0.40
CA ASP A 685 21.45 -19.51 0.24
C ASP A 685 19.98 -19.34 0.53
N ALA A 686 19.49 -18.10 0.67
CA ALA A 686 18.07 -17.88 0.86
C ALA A 686 17.27 -17.92 -0.44
N LEU A 687 17.93 -18.09 -1.58
CA LEU A 687 17.21 -18.28 -2.82
C LEU A 687 16.98 -19.76 -3.07
N PRO A 688 16.04 -20.12 -3.95
CA PRO A 688 15.97 -21.50 -4.40
C PRO A 688 17.26 -21.86 -5.09
N VAL A 689 17.57 -23.14 -5.11
CA VAL A 689 18.83 -23.58 -5.70
C VAL A 689 18.73 -23.51 -7.22
N PHE A 690 19.66 -22.77 -7.82
CA PHE A 690 19.86 -22.62 -9.26
C PHE A 690 21.34 -22.88 -9.54
N PRO A 691 21.67 -23.36 -10.74
CA PRO A 691 23.08 -23.29 -11.16
C PRO A 691 23.46 -21.86 -11.49
N ILE A 692 24.75 -21.54 -11.31
CA ILE A 692 25.24 -20.17 -11.42
C ILE A 692 26.24 -20.09 -12.56
N GLU A 693 25.96 -19.25 -13.55
CA GLU A 693 26.88 -19.04 -14.66
C GLU A 693 27.49 -17.65 -14.59
N GLN A 694 28.76 -17.53 -15.00
CA GLN A 694 29.52 -16.28 -14.86
C GLN A 694 30.13 -15.88 -16.20
N PRO A 695 29.32 -15.34 -17.11
CA PRO A 695 29.83 -14.96 -18.43
C PRO A 695 30.67 -13.68 -18.39
N GLU A 696 31.47 -13.55 -19.43
CA GLU A 696 32.27 -12.35 -19.64
C GLU A 696 31.37 -11.22 -20.13
N VAL A 697 31.79 -9.99 -19.87
CA VAL A 697 30.98 -8.79 -20.12
C VAL A 697 31.66 -7.92 -21.16
N PRO A 698 30.93 -7.42 -22.15
CA PRO A 698 31.52 -6.47 -23.11
C PRO A 698 31.97 -5.18 -22.44
N GLU A 699 32.80 -4.43 -23.17
CA GLU A 699 33.30 -3.17 -22.66
C GLU A 699 32.17 -2.16 -22.55
N GLY A 700 32.12 -1.47 -21.42
CA GLY A 700 31.06 -0.50 -21.19
C GLY A 700 31.38 0.89 -21.67
N ILE A 701 30.69 1.35 -22.71
CA ILE A 701 30.88 2.68 -23.26
C ILE A 701 29.98 3.65 -22.51
N VAL A 702 30.59 4.56 -21.78
CA VAL A 702 29.84 5.56 -21.03
C VAL A 702 29.33 6.64 -21.97
N LYS A 703 28.09 7.09 -21.77
CA LYS A 703 27.53 8.16 -22.56
C LYS A 703 27.66 9.50 -21.84
N LYS A 704 27.98 10.55 -22.62
CA LYS A 704 28.11 11.93 -22.13
C LYS A 704 27.23 12.28 -20.96
FE1 SF4 C . -23.60 10.60 -0.92
FE2 SF4 C . -26.08 10.96 -2.61
FE3 SF4 C . -24.40 8.49 -2.92
FE4 SF4 C . -23.32 11.16 -3.87
S1 SF4 C . -25.08 10.01 -4.24
S2 SF4 C . -22.63 9.62 -2.55
S3 SF4 C . -24.32 12.12 -2.24
S4 SF4 C . -25.36 9.46 -1.28
#